data_2AKC
#
_entry.id   2AKC
#
_cell.length_a   189.800
_cell.length_b   45.200
_cell.length_c   112.700
_cell.angle_alpha   90.00
_cell.angle_beta   111.40
_cell.angle_gamma   90.00
#
_symmetry.space_group_name_H-M   'C 1 2 1'
#
loop_
_entity.id
_entity.type
_entity.pdbx_description
1 polymer 'class A nonspecific acid phosphatase PhoN'
2 non-polymer TUNGSTATE(VI)ION
3 water water
#
_entity_poly.entity_id   1
_entity_poly.type   'polypeptide(L)'
_entity_poly.pdbx_seq_one_letter_code
;ATMQPFHSPEESVNSQFYLPPPPGNDDPAFRYDKEAYFKGYAIKGSPRWKQAAEDADISVENIARIFSPVVGAKISPKDT
PETWNMLQNLLKVGGYYATASAKKYYMRTRPFVLFNHSTCRPEDENTLRKDGSYPSGHTAYSTLLALVLSQARPERAQEL
ARRGWEFGQSRVICGAHWQSDVDAGRYVGAVEFARLQTIPAFQKSLAKVREELNDKNNLLSKEERPELNY
;
_entity_poly.pdbx_strand_id   A,B,C,D
#
# COMPACT_ATOMS: atom_id res chain seq x y z
N MET A 3 -18.64 -7.23 21.96
CA MET A 3 -17.96 -7.02 20.65
C MET A 3 -18.93 -6.46 19.61
N GLN A 4 -19.71 -5.46 20.01
CA GLN A 4 -20.68 -4.85 19.09
C GLN A 4 -20.51 -3.33 19.01
N PRO A 5 -20.11 -2.81 17.84
CA PRO A 5 -19.91 -1.38 17.63
C PRO A 5 -21.11 -0.52 18.07
N PHE A 6 -20.82 0.59 18.72
CA PHE A 6 -21.85 1.50 19.22
C PHE A 6 -22.85 1.94 18.17
N HIS A 7 -22.40 2.10 16.94
CA HIS A 7 -23.27 2.49 15.84
C HIS A 7 -22.65 2.08 14.51
N SER A 8 -23.50 2.00 13.48
CA SER A 8 -23.04 1.60 12.16
C SER A 8 -22.36 2.73 11.40
N PRO A 9 -21.56 2.38 10.37
CA PRO A 9 -20.84 3.36 9.56
C PRO A 9 -21.75 4.50 9.07
N GLU A 10 -23.01 4.18 8.76
CA GLU A 10 -23.96 5.17 8.28
C GLU A 10 -24.50 6.07 9.37
N GLU A 11 -24.30 5.68 10.62
CA GLU A 11 -24.80 6.47 11.75
C GLU A 11 -23.81 7.49 12.28
N SER A 12 -22.68 7.64 11.62
CA SER A 12 -21.71 8.62 12.07
C SER A 12 -21.94 9.89 11.25
N VAL A 13 -21.54 11.03 11.80
CA VAL A 13 -21.71 12.30 11.10
C VAL A 13 -20.77 12.32 9.89
N ASN A 14 -21.32 12.68 8.74
CA ASN A 14 -20.56 12.73 7.47
C ASN A 14 -19.43 13.75 7.43
N SER A 15 -18.20 13.28 7.63
CA SER A 15 -17.00 14.14 7.65
C SER A 15 -16.74 14.90 6.36
N GLN A 16 -17.19 14.36 5.25
CA GLN A 16 -17.00 15.01 3.95
C GLN A 16 -17.86 16.27 3.88
N PHE A 17 -18.98 16.28 4.59
CA PHE A 17 -19.84 17.45 4.57
C PHE A 17 -19.35 18.60 5.43
N TYR A 18 -18.95 18.32 6.68
CA TYR A 18 -18.52 19.41 7.56
C TYR A 18 -17.05 19.82 7.57
N LEU A 19 -16.15 18.97 7.08
CA LEU A 19 -14.75 19.37 7.05
C LEU A 19 -14.48 20.14 5.77
N PRO A 20 -13.58 21.12 5.80
CA PRO A 20 -13.29 21.85 4.56
C PRO A 20 -12.39 20.95 3.71
N PRO A 21 -12.24 21.24 2.41
CA PRO A 21 -11.37 20.38 1.59
C PRO A 21 -9.93 20.53 2.04
N PRO A 22 -9.07 19.53 1.77
CA PRO A 22 -7.66 19.63 2.18
C PRO A 22 -6.90 20.72 1.44
N PRO A 23 -5.91 21.34 2.12
CA PRO A 23 -5.12 22.39 1.49
C PRO A 23 -4.56 21.96 0.15
N GLY A 24 -4.65 22.85 -0.83
CA GLY A 24 -4.16 22.57 -2.16
C GLY A 24 -2.74 23.06 -2.39
N ASN A 25 -2.14 22.58 -3.47
CA ASN A 25 -0.77 22.91 -3.84
C ASN A 25 -0.25 24.32 -3.62
N ASP A 26 -1.06 25.34 -3.90
CA ASP A 26 -0.57 26.70 -3.70
C ASP A 26 -1.17 27.41 -2.46
N ASP A 27 -1.86 26.65 -1.63
CA ASP A 27 -2.46 27.23 -0.43
C ASP A 27 -1.44 27.41 0.69
N PRO A 28 -1.57 28.50 1.46
CA PRO A 28 -0.67 28.79 2.57
C PRO A 28 -0.55 27.59 3.51
N ALA A 29 -1.69 26.97 3.79
CA ALA A 29 -1.74 25.82 4.67
C ALA A 29 -0.93 24.65 4.12
N PHE A 30 -0.82 24.56 2.80
CA PHE A 30 -0.06 23.46 2.23
C PHE A 30 1.45 23.68 2.37
N ARG A 31 1.91 24.91 2.20
CA ARG A 31 3.34 25.21 2.35
C ARG A 31 3.74 24.89 3.78
N TYR A 32 2.82 25.13 4.72
CA TYR A 32 3.07 24.83 6.12
C TYR A 32 3.16 23.30 6.27
N ASP A 33 2.27 22.57 5.59
CA ASP A 33 2.30 21.11 5.66
C ASP A 33 3.66 20.55 5.23
N LYS A 34 4.20 21.04 4.11
CA LYS A 34 5.51 20.57 3.64
C LYS A 34 6.60 20.85 4.66
N GLU A 35 6.64 22.09 5.16
CA GLU A 35 7.65 22.49 6.13
C GLU A 35 7.56 21.64 7.39
N ALA A 36 6.33 21.37 7.84
CA ALA A 36 6.12 20.55 9.03
C ALA A 36 6.60 19.12 8.73
N TYR A 37 6.36 18.65 7.51
CA TYR A 37 6.80 17.31 7.17
C TYR A 37 8.31 17.21 7.32
N PHE A 38 9.05 18.11 6.67
CA PHE A 38 10.51 18.07 6.74
C PHE A 38 11.07 18.32 8.13
N LYS A 39 10.37 19.12 8.93
CA LYS A 39 10.84 19.40 10.28
C LYS A 39 10.86 18.10 11.08
N GLY A 40 9.98 17.17 10.71
CA GLY A 40 9.90 15.90 11.41
C GLY A 40 10.83 14.85 10.82
N TYR A 41 10.99 14.91 9.51
CA TYR A 41 11.85 13.96 8.81
C TYR A 41 13.28 14.21 9.27
N ALA A 42 13.58 15.45 9.61
CA ALA A 42 14.92 15.84 10.05
C ALA A 42 15.36 15.19 11.36
N ILE A 43 14.42 15.02 12.30
CA ILE A 43 14.77 14.41 13.58
C ILE A 43 14.55 12.89 13.62
N LYS A 44 14.52 12.26 12.45
CA LYS A 44 14.33 10.82 12.37
C LYS A 44 15.40 10.07 13.18
N GLY A 45 14.98 9.17 14.06
CA GLY A 45 15.93 8.43 14.86
C GLY A 45 16.10 8.95 16.29
N SER A 46 15.54 10.12 16.57
CA SER A 46 15.61 10.72 17.90
C SER A 46 14.52 10.16 18.81
N PRO A 47 14.55 10.50 20.10
CA PRO A 47 13.54 10.01 21.04
C PRO A 47 12.10 10.39 20.66
N ARG A 48 11.87 11.66 20.33
CA ARG A 48 10.52 12.08 19.96
C ARG A 48 10.04 11.24 18.78
N TRP A 49 10.95 10.97 17.85
CA TRP A 49 10.62 10.17 16.68
C TRP A 49 10.31 8.74 17.11
N LYS A 50 11.04 8.24 18.10
CA LYS A 50 10.82 6.90 18.60
C LYS A 50 9.47 6.82 19.31
N GLN A 51 9.05 7.91 19.92
CA GLN A 51 7.77 7.95 20.61
C GLN A 51 6.68 7.88 19.53
N ALA A 52 6.94 8.51 18.39
CA ALA A 52 5.99 8.53 17.28
C ALA A 52 5.72 7.13 16.76
N ALA A 53 6.77 6.30 16.67
CA ALA A 53 6.59 4.92 16.20
C ALA A 53 5.75 4.16 17.21
N GLU A 54 5.98 4.45 18.49
CA GLU A 54 5.21 3.81 19.55
C GLU A 54 3.74 4.22 19.42
N ASP A 55 3.50 5.52 19.23
CA ASP A 55 2.14 6.03 19.10
C ASP A 55 1.46 5.50 17.84
N ALA A 56 2.25 5.09 16.85
CA ALA A 56 1.72 4.58 15.59
C ALA A 56 0.96 3.27 15.73
N ASP A 57 1.30 2.50 16.74
CA ASP A 57 0.65 1.21 16.99
C ASP A 57 -0.67 1.40 17.75
N ILE A 58 -1.80 1.17 17.10
CA ILE A 58 -3.09 1.33 17.77
C ILE A 58 -3.76 0.06 18.29
N SER A 59 -3.02 -1.04 18.36
CA SER A 59 -3.60 -2.27 18.89
C SER A 59 -4.05 -1.90 20.31
N VAL A 60 -5.00 -2.66 20.86
CA VAL A 60 -5.51 -2.36 22.19
C VAL A 60 -4.44 -2.46 23.27
N GLU A 61 -3.58 -3.46 23.18
CA GLU A 61 -2.51 -3.64 24.17
C GLU A 61 -1.59 -2.42 24.23
N ASN A 62 -1.34 -1.78 23.10
CA ASN A 62 -0.46 -0.61 23.10
C ASN A 62 -1.16 0.66 23.58
N ILE A 63 -2.44 0.79 23.28
CA ILE A 63 -3.20 1.95 23.70
C ILE A 63 -3.32 1.91 25.23
N ALA A 64 -3.55 0.71 25.77
CA ALA A 64 -3.68 0.55 27.21
C ALA A 64 -2.36 0.87 27.90
N ARG A 65 -1.26 0.37 27.36
CA ARG A 65 0.06 0.64 27.94
C ARG A 65 0.31 2.14 28.01
N ILE A 66 -0.03 2.85 26.94
CA ILE A 66 0.19 4.30 26.91
C ILE A 66 -0.76 5.09 27.80
N PHE A 67 -2.04 4.73 27.82
CA PHE A 67 -2.98 5.49 28.62
C PHE A 67 -3.17 5.12 30.10
N SER A 68 -2.71 3.94 30.52
CA SER A 68 -2.84 3.55 31.92
C SER A 68 -2.18 4.57 32.82
N PRO A 69 -0.95 4.99 32.49
CA PRO A 69 -0.27 5.98 33.31
C PRO A 69 -1.00 7.32 33.30
N VAL A 70 -1.50 7.71 32.15
CA VAL A 70 -2.18 8.99 32.02
C VAL A 70 -3.49 9.03 32.80
N VAL A 71 -4.32 8.01 32.63
CA VAL A 71 -5.60 7.96 33.32
C VAL A 71 -5.41 7.62 34.80
N GLY A 72 -4.32 6.95 35.12
CA GLY A 72 -4.05 6.61 36.50
C GLY A 72 -4.68 5.32 37.01
N ALA A 73 -4.91 4.37 36.11
CA ALA A 73 -5.50 3.10 36.49
C ALA A 73 -4.98 2.00 35.58
N LYS A 74 -4.92 0.78 36.09
CA LYS A 74 -4.47 -0.36 35.31
C LYS A 74 -5.54 -0.61 34.27
N ILE A 75 -5.12 -0.92 33.06
CA ILE A 75 -6.08 -1.25 32.02
C ILE A 75 -5.69 -2.60 31.47
N SER A 76 -6.50 -3.61 31.77
CA SER A 76 -6.22 -4.97 31.29
C SER A 76 -7.53 -5.68 30.99
N PRO A 77 -7.46 -6.72 30.16
CA PRO A 77 -8.70 -7.45 29.83
C PRO A 77 -9.27 -8.14 31.06
N LYS A 78 -8.44 -8.34 32.07
CA LYS A 78 -8.87 -9.01 33.30
C LYS A 78 -9.37 -8.10 34.41
N ASP A 79 -8.71 -6.97 34.62
CA ASP A 79 -9.12 -6.04 35.68
C ASP A 79 -10.20 -5.07 35.22
N THR A 80 -10.10 -4.64 33.97
CA THR A 80 -11.05 -3.68 33.39
C THR A 80 -11.57 -4.17 32.04
N PRO A 81 -12.36 -5.26 32.03
CA PRO A 81 -12.88 -5.79 30.78
C PRO A 81 -13.70 -4.80 29.95
N GLU A 82 -14.56 -4.04 30.60
CA GLU A 82 -15.39 -3.08 29.89
C GLU A 82 -14.57 -1.97 29.23
N THR A 83 -13.56 -1.48 29.93
CA THR A 83 -12.70 -0.42 29.39
C THR A 83 -11.94 -1.00 28.20
N TRP A 84 -11.60 -2.28 28.32
CA TRP A 84 -10.87 -2.98 27.28
C TRP A 84 -11.71 -2.99 26.00
N ASN A 85 -13.00 -3.28 26.13
CA ASN A 85 -13.85 -3.28 24.95
C ASN A 85 -14.07 -1.84 24.46
N MET A 86 -14.21 -0.90 25.39
CA MET A 86 -14.43 0.51 25.03
C MET A 86 -13.33 1.00 24.10
N LEU A 87 -12.08 0.66 24.44
CA LEU A 87 -10.92 1.06 23.64
C LEU A 87 -10.99 0.56 22.20
N GLN A 88 -11.40 -0.69 22.05
CA GLN A 88 -11.51 -1.30 20.73
C GLN A 88 -12.71 -0.77 19.95
N ASN A 89 -13.81 -0.54 20.66
CA ASN A 89 -15.03 -0.04 20.03
C ASN A 89 -14.82 1.39 19.51
N LEU A 90 -14.16 2.22 20.32
CA LEU A 90 -13.91 3.60 19.91
C LEU A 90 -13.00 3.68 18.67
N LEU A 91 -12.16 2.67 18.47
CA LEU A 91 -11.28 2.65 17.30
C LEU A 91 -12.10 2.44 16.03
N LYS A 92 -13.13 1.61 16.13
CA LYS A 92 -14.00 1.33 15.00
C LYS A 92 -14.84 2.54 14.61
N VAL A 93 -15.60 3.07 15.56
CA VAL A 93 -16.48 4.20 15.25
C VAL A 93 -15.78 5.53 15.07
N GLY A 94 -14.69 5.76 15.80
CA GLY A 94 -14.00 7.02 15.69
C GLY A 94 -12.80 7.08 14.75
N GLY A 95 -12.03 6.00 14.69
CA GLY A 95 -10.88 5.98 13.81
C GLY A 95 -11.27 5.65 12.37
N TYR A 96 -12.23 4.74 12.20
CA TYR A 96 -12.64 4.33 10.86
C TYR A 96 -13.95 4.89 10.34
N TYR A 97 -15.06 4.59 11.01
CA TYR A 97 -16.36 5.07 10.57
C TYR A 97 -16.43 6.60 10.47
N ALA A 98 -16.07 7.29 11.53
CA ALA A 98 -16.15 8.75 11.54
C ALA A 98 -15.30 9.49 10.50
N THR A 99 -14.23 8.85 10.00
CA THR A 99 -13.35 9.50 9.03
C THR A 99 -13.51 9.03 7.57
N ALA A 100 -14.19 7.91 7.39
CA ALA A 100 -14.37 7.30 6.07
C ALA A 100 -14.79 8.16 4.89
N SER A 101 -15.92 8.85 4.99
CA SER A 101 -16.40 9.62 3.87
C SER A 101 -15.44 10.70 3.35
N ALA A 102 -14.81 11.43 4.26
CA ALA A 102 -13.88 12.46 3.84
C ALA A 102 -12.62 11.80 3.26
N LYS A 103 -12.20 10.70 3.87
CA LYS A 103 -11.02 9.97 3.43
C LYS A 103 -11.15 9.50 1.97
N LYS A 104 -12.22 8.77 1.70
CA LYS A 104 -12.45 8.21 0.36
C LYS A 104 -12.75 9.25 -0.72
N TYR A 105 -13.39 10.34 -0.34
CA TYR A 105 -13.74 11.37 -1.29
C TYR A 105 -12.56 12.18 -1.83
N TYR A 106 -11.56 12.43 -1.00
CA TYR A 106 -10.39 13.20 -1.41
C TYR A 106 -9.19 12.35 -1.74
N MET A 107 -9.14 11.13 -1.19
CA MET A 107 -8.02 10.23 -1.43
C MET A 107 -6.73 11.02 -1.48
N ARG A 108 -6.53 11.86 -0.47
CA ARG A 108 -5.35 12.71 -0.41
C ARG A 108 -4.06 11.89 -0.27
N THR A 109 -3.08 12.23 -1.09
CA THR A 109 -1.79 11.53 -1.07
C THR A 109 -1.02 11.83 0.19
N ARG A 110 -0.47 10.79 0.80
CA ARG A 110 0.30 10.94 2.03
C ARG A 110 1.70 11.47 1.76
N PRO A 111 2.21 12.33 2.66
CA PRO A 111 3.54 12.92 2.50
C PRO A 111 4.70 11.98 2.17
N PHE A 112 4.77 10.81 2.79
CA PHE A 112 5.87 9.90 2.50
C PHE A 112 5.75 9.34 1.08
N VAL A 113 4.53 9.23 0.58
CA VAL A 113 4.30 8.72 -0.76
C VAL A 113 4.74 9.78 -1.78
N LEU A 114 4.46 11.04 -1.47
CA LEU A 114 4.81 12.15 -2.34
C LEU A 114 6.30 12.42 -2.42
N PHE A 115 7.02 12.24 -1.30
CA PHE A 115 8.45 12.50 -1.27
C PHE A 115 9.36 11.28 -1.32
N ASN A 116 8.78 10.10 -1.50
CA ASN A 116 9.57 8.85 -1.57
C ASN A 116 10.49 8.63 -0.38
N HIS A 117 9.93 8.63 0.82
CA HIS A 117 10.71 8.42 2.03
C HIS A 117 10.00 7.35 2.82
N SER A 118 10.64 6.84 3.87
CA SER A 118 10.02 5.82 4.70
C SER A 118 9.46 6.51 5.94
N THR A 119 8.53 5.85 6.61
CA THR A 119 7.92 6.42 7.80
C THR A 119 8.53 5.84 9.06
N CYS A 120 8.01 6.26 10.21
CA CYS A 120 8.53 5.78 11.48
C CYS A 120 8.05 4.37 11.78
N ARG A 121 7.21 3.83 10.89
CA ARG A 121 6.71 2.47 11.08
C ARG A 121 6.35 1.84 9.75
N PRO A 122 7.38 1.35 9.02
CA PRO A 122 7.28 0.70 7.71
C PRO A 122 6.16 -0.33 7.58
N GLU A 123 5.91 -1.07 8.65
CA GLU A 123 4.86 -2.10 8.64
C GLU A 123 3.54 -1.57 8.06
N ASP A 124 3.10 -0.40 8.52
CA ASP A 124 1.85 0.20 8.09
C ASP A 124 1.81 0.74 6.66
N GLU A 125 2.96 1.18 6.16
CA GLU A 125 3.05 1.78 4.84
C GLU A 125 2.28 1.16 3.67
N ASN A 126 2.18 -0.17 3.62
CA ASN A 126 1.43 -0.78 2.52
C ASN A 126 -0.05 -0.46 2.66
N THR A 127 -0.52 -0.43 3.89
CA THR A 127 -1.91 -0.13 4.19
C THR A 127 -2.20 1.36 3.98
N LEU A 128 -1.29 2.20 4.47
CA LEU A 128 -1.46 3.64 4.36
C LEU A 128 -1.57 4.06 2.89
N ARG A 129 -0.76 3.43 2.04
CA ARG A 129 -0.72 3.69 0.59
C ARG A 129 -2.10 3.86 -0.07
N LYS A 130 -3.00 2.94 0.24
CA LYS A 130 -4.33 2.93 -0.34
C LYS A 130 -5.41 3.60 0.52
N ASP A 131 -5.00 4.35 1.54
CA ASP A 131 -5.95 5.00 2.44
C ASP A 131 -5.87 6.53 2.36
N GLY A 132 -7.01 7.18 2.15
CA GLY A 132 -7.04 8.64 2.07
C GLY A 132 -6.36 9.23 3.29
N SER A 133 -5.46 10.17 3.06
CA SER A 133 -4.71 10.83 4.11
C SER A 133 -5.52 11.81 4.97
N TYR A 134 -6.50 12.44 4.35
CA TYR A 134 -7.31 13.45 5.01
C TYR A 134 -8.72 12.99 5.32
N PRO A 135 -9.11 12.96 6.61
CA PRO A 135 -8.35 13.31 7.81
C PRO A 135 -7.65 12.09 8.42
N SER A 136 -6.83 12.34 9.43
CA SER A 136 -6.08 11.29 10.14
C SER A 136 -6.93 10.43 11.07
N GLY A 137 -6.89 9.12 10.86
CA GLY A 137 -7.64 8.20 11.70
C GLY A 137 -7.06 8.06 13.10
N HIS A 138 -5.75 8.01 13.23
CA HIS A 138 -5.14 7.89 14.56
C HIS A 138 -5.52 9.08 15.44
N THR A 139 -5.58 10.27 14.82
CA THR A 139 -5.91 11.50 15.52
C THR A 139 -7.34 11.54 16.04
N ALA A 140 -8.29 11.27 15.15
CA ALA A 140 -9.69 11.27 15.56
C ALA A 140 -9.81 10.33 16.74
N TYR A 141 -9.23 9.14 16.59
CA TYR A 141 -9.26 8.12 17.64
C TYR A 141 -8.72 8.55 19.01
N SER A 142 -7.53 9.13 19.03
CA SER A 142 -6.91 9.57 20.28
C SER A 142 -7.62 10.76 20.90
N THR A 143 -8.22 11.60 20.06
CA THR A 143 -8.96 12.75 20.54
C THR A 143 -10.21 12.20 21.21
N LEU A 144 -10.90 11.32 20.50
CA LEU A 144 -12.11 10.71 21.03
C LEU A 144 -11.79 9.99 22.35
N LEU A 145 -10.78 9.14 22.30
CA LEU A 145 -10.35 8.37 23.47
C LEU A 145 -10.12 9.30 24.66
N ALA A 146 -9.32 10.33 24.43
CA ALA A 146 -9.01 11.30 25.46
C ALA A 146 -10.24 11.92 26.12
N LEU A 147 -11.23 12.28 25.29
CA LEU A 147 -12.46 12.90 25.79
C LEU A 147 -13.31 11.92 26.60
N VAL A 148 -13.44 10.69 26.08
CA VAL A 148 -14.22 9.68 26.77
C VAL A 148 -13.61 9.36 28.13
N LEU A 149 -12.29 9.18 28.17
CA LEU A 149 -11.63 8.88 29.43
C LEU A 149 -11.73 10.05 30.40
N SER A 150 -11.74 11.27 29.86
CA SER A 150 -11.84 12.47 30.70
C SER A 150 -13.21 12.50 31.35
N GLN A 151 -14.19 11.92 30.65
CA GLN A 151 -15.55 11.85 31.13
C GLN A 151 -15.63 10.77 32.22
N ALA A 152 -14.78 9.76 32.12
CA ALA A 152 -14.77 8.68 33.11
C ALA A 152 -13.93 9.03 34.35
N ARG A 153 -12.91 9.86 34.16
CA ARG A 153 -12.05 10.24 35.26
C ARG A 153 -11.60 11.68 35.01
N PRO A 154 -12.48 12.66 35.30
CA PRO A 154 -12.18 14.07 35.11
C PRO A 154 -11.02 14.64 35.92
N GLU A 155 -10.60 13.93 36.96
CA GLU A 155 -9.48 14.41 37.78
C GLU A 155 -8.20 14.37 36.92
N ARG A 156 -8.26 13.63 35.81
CA ARG A 156 -7.10 13.52 34.93
C ARG A 156 -7.36 14.17 33.57
N ALA A 157 -8.33 15.07 33.51
CA ALA A 157 -8.67 15.72 32.25
C ALA A 157 -7.50 16.39 31.52
N GLN A 158 -6.71 17.22 32.21
CA GLN A 158 -5.59 17.92 31.57
C GLN A 158 -4.51 16.99 31.02
N GLU A 159 -4.11 15.99 31.81
CA GLU A 159 -3.11 15.03 31.37
C GLU A 159 -3.61 14.33 30.10
N LEU A 160 -4.85 13.86 30.15
CA LEU A 160 -5.45 13.18 29.01
C LEU A 160 -5.52 14.06 27.77
N ALA A 161 -5.95 15.31 27.96
CA ALA A 161 -6.06 16.24 26.83
C ALA A 161 -4.68 16.53 26.21
N ARG A 162 -3.64 16.58 27.03
CA ARG A 162 -2.31 16.81 26.49
C ARG A 162 -1.80 15.58 25.73
N ARG A 163 -1.89 14.41 26.35
CA ARG A 163 -1.43 13.18 25.70
C ARG A 163 -2.19 12.94 24.40
N GLY A 164 -3.48 13.23 24.42
CA GLY A 164 -4.29 13.05 23.23
C GLY A 164 -3.75 13.90 22.11
N TRP A 165 -3.41 15.14 22.41
CA TRP A 165 -2.86 16.08 21.44
C TRP A 165 -1.55 15.57 20.84
N GLU A 166 -0.63 15.16 21.71
CA GLU A 166 0.67 14.68 21.29
C GLU A 166 0.56 13.43 20.42
N PHE A 167 -0.40 12.58 20.76
CA PHE A 167 -0.63 11.34 20.01
C PHE A 167 -0.93 11.68 18.56
N GLY A 168 -1.65 12.79 18.36
CA GLY A 168 -1.98 13.23 17.02
C GLY A 168 -0.75 13.79 16.33
N GLN A 169 0.08 14.51 17.07
CA GLN A 169 1.29 15.08 16.49
C GLN A 169 2.30 14.02 16.05
N SER A 170 2.26 12.85 16.67
CA SER A 170 3.17 11.78 16.29
C SER A 170 2.97 11.41 14.83
N ARG A 171 1.73 11.50 14.36
CA ARG A 171 1.40 11.16 12.98
C ARG A 171 2.12 12.07 11.99
N VAL A 172 2.32 13.33 12.38
CA VAL A 172 3.01 14.30 11.53
C VAL A 172 4.50 14.01 11.55
N ILE A 173 5.04 13.87 12.75
CA ILE A 173 6.45 13.59 12.95
C ILE A 173 6.84 12.27 12.29
N CYS A 174 5.92 11.32 12.29
CA CYS A 174 6.14 9.98 11.72
C CYS A 174 6.21 9.98 10.19
N GLY A 175 5.66 11.01 9.57
CA GLY A 175 5.65 11.10 8.12
C GLY A 175 4.40 10.50 7.51
N ALA A 176 3.52 9.95 8.34
CA ALA A 176 2.29 9.33 7.87
C ALA A 176 1.20 10.33 7.43
N HIS A 177 1.19 11.51 8.05
CA HIS A 177 0.19 12.53 7.70
C HIS A 177 0.74 13.92 7.56
N TRP A 178 -0.06 14.80 6.97
CA TRP A 178 0.28 16.21 6.85
C TRP A 178 -0.35 16.82 8.10
N GLN A 179 0.15 17.96 8.56
CA GLN A 179 -0.39 18.61 9.74
C GLN A 179 -1.87 18.89 9.59
N SER A 180 -2.29 19.30 8.40
CA SER A 180 -3.71 19.59 8.16
C SER A 180 -4.63 18.39 8.36
N ASP A 181 -4.12 17.17 8.16
CA ASP A 181 -4.93 15.97 8.36
C ASP A 181 -5.15 15.82 9.87
N VAL A 182 -4.11 16.12 10.63
CA VAL A 182 -4.17 16.00 12.08
C VAL A 182 -5.13 17.03 12.68
N ASP A 183 -5.04 18.27 12.22
CA ASP A 183 -5.93 19.31 12.72
C ASP A 183 -7.38 18.93 12.44
N ALA A 184 -7.63 18.38 11.25
CA ALA A 184 -8.97 17.97 10.87
C ALA A 184 -9.42 16.78 11.71
N GLY A 185 -8.49 15.86 11.95
CA GLY A 185 -8.82 14.69 12.75
C GLY A 185 -9.31 15.02 14.15
N ARG A 186 -8.81 16.10 14.74
CA ARG A 186 -9.27 16.45 16.10
C ARG A 186 -10.71 16.90 16.13
N TYR A 187 -11.14 17.60 15.08
CA TYR A 187 -12.51 18.08 15.01
C TYR A 187 -13.43 16.88 14.82
N VAL A 188 -13.00 15.91 14.01
CA VAL A 188 -13.79 14.71 13.78
C VAL A 188 -13.95 13.96 15.09
N GLY A 189 -12.87 13.89 15.87
CA GLY A 189 -12.93 13.21 17.15
C GLY A 189 -13.97 13.82 18.07
N ALA A 190 -14.03 15.16 18.13
CA ALA A 190 -14.99 15.86 18.97
C ALA A 190 -16.41 15.62 18.47
N VAL A 191 -16.63 15.79 17.16
CA VAL A 191 -17.94 15.59 16.56
C VAL A 191 -18.47 14.17 16.88
N GLU A 192 -17.64 13.15 16.66
CA GLU A 192 -18.03 11.78 16.95
C GLU A 192 -18.31 11.63 18.45
N PHE A 193 -17.53 12.33 19.27
CA PHE A 193 -17.72 12.30 20.72
C PHE A 193 -19.12 12.80 21.08
N ALA A 194 -19.57 13.84 20.39
CA ALA A 194 -20.90 14.39 20.62
C ALA A 194 -21.98 13.39 20.24
N ARG A 195 -21.80 12.71 19.10
CA ARG A 195 -22.75 11.71 18.61
C ARG A 195 -22.89 10.51 19.55
N LEU A 196 -21.79 10.03 20.11
CA LEU A 196 -21.83 8.90 21.04
C LEU A 196 -22.71 9.16 22.27
N GLN A 197 -22.70 10.41 22.76
CA GLN A 197 -23.48 10.77 23.94
C GLN A 197 -24.95 10.38 23.81
N THR A 198 -25.48 10.43 22.60
CA THR A 198 -26.88 10.10 22.37
C THR A 198 -27.18 8.63 22.10
N ILE A 199 -26.17 7.77 22.17
CA ILE A 199 -26.38 6.36 21.93
C ILE A 199 -26.38 5.57 23.24
N PRO A 200 -27.53 4.99 23.62
CA PRO A 200 -27.68 4.21 24.85
C PRO A 200 -26.58 3.19 25.11
N ALA A 201 -26.22 2.42 24.09
CA ALA A 201 -25.17 1.41 24.25
C ALA A 201 -23.89 2.03 24.79
N PHE A 202 -23.60 3.25 24.33
CA PHE A 202 -22.42 3.96 24.77
C PHE A 202 -22.55 4.39 26.23
N GLN A 203 -23.64 5.09 26.55
CA GLN A 203 -23.87 5.55 27.92
C GLN A 203 -23.74 4.39 28.91
N LYS A 204 -24.37 3.27 28.58
CA LYS A 204 -24.33 2.08 29.41
C LYS A 204 -22.90 1.57 29.56
N SER A 205 -22.14 1.64 28.48
CA SER A 205 -20.75 1.20 28.49
C SER A 205 -19.89 2.18 29.30
N LEU A 206 -20.17 3.47 29.17
CA LEU A 206 -19.41 4.47 29.90
C LEU A 206 -19.60 4.32 31.40
N ALA A 207 -20.81 3.97 31.83
CA ALA A 207 -21.07 3.81 33.26
C ALA A 207 -20.14 2.77 33.85
N LYS A 208 -19.98 1.66 33.14
CA LYS A 208 -19.11 0.58 33.59
C LYS A 208 -17.65 0.99 33.55
N VAL A 209 -17.27 1.73 32.51
CA VAL A 209 -15.90 2.21 32.37
C VAL A 209 -15.57 3.10 33.56
N ARG A 210 -16.49 4.00 33.88
CA ARG A 210 -16.26 4.89 35.01
C ARG A 210 -16.07 4.11 36.30
N GLU A 211 -16.85 3.05 36.48
CA GLU A 211 -16.76 2.23 37.69
C GLU A 211 -15.44 1.47 37.75
N GLU A 212 -14.96 0.99 36.62
CA GLU A 212 -13.69 0.25 36.60
C GLU A 212 -12.50 1.17 36.85
N LEU A 213 -12.47 2.33 36.17
CA LEU A 213 -11.35 3.26 36.29
C LEU A 213 -11.26 4.01 37.61
N ASN A 214 -12.35 3.99 38.38
CA ASN A 214 -12.36 4.66 39.67
C ASN A 214 -12.33 3.65 40.82
N ASP A 215 -12.25 2.37 40.47
CA ASP A 215 -12.19 1.31 41.46
C ASP A 215 -10.82 1.36 42.14
N LYS A 216 -10.84 1.48 43.45
CA LYS A 216 -9.61 1.54 44.24
C LYS A 216 -8.68 0.37 43.92
N ASN A 217 -9.26 -0.80 43.66
CA ASN A 217 -8.45 -1.97 43.37
C ASN A 217 -7.77 -1.85 42.01
N ASN A 218 -8.11 -0.83 41.22
CA ASN A 218 -7.52 -0.65 39.89
C ASN A 218 -6.59 0.56 39.71
N LEU A 219 -6.54 1.44 40.71
CA LEU A 219 -5.70 2.63 40.62
C LEU A 219 -4.20 2.33 40.75
N LEU A 220 -3.36 3.24 40.25
CA LEU A 220 -1.93 3.04 40.33
C LEU A 220 -1.30 3.82 41.49
N MET B 3 -29.00 32.37 37.37
CA MET B 3 -28.09 32.32 36.19
C MET B 3 -26.65 32.07 36.62
N GLN B 4 -26.41 30.92 37.24
CA GLN B 4 -25.08 30.56 37.69
C GLN B 4 -24.43 29.62 36.68
N PRO B 5 -23.17 29.90 36.31
CA PRO B 5 -22.49 29.03 35.36
C PRO B 5 -22.52 27.60 35.88
N PHE B 6 -22.52 26.63 34.97
CA PHE B 6 -22.56 25.24 35.37
C PHE B 6 -21.44 24.86 36.32
N HIS B 7 -20.31 25.55 36.20
CA HIS B 7 -19.19 25.30 37.10
C HIS B 7 -18.40 26.60 37.28
N SER B 8 -17.52 26.59 38.28
CA SER B 8 -16.69 27.75 38.58
C SER B 8 -15.46 27.79 37.68
N PRO B 9 -14.78 28.95 37.61
CA PRO B 9 -13.58 29.09 36.76
C PRO B 9 -12.55 28.00 37.04
N GLU B 10 -12.35 27.69 38.33
CA GLU B 10 -11.38 26.69 38.75
C GLU B 10 -11.69 25.29 38.23
N GLU B 11 -12.95 25.06 37.84
CA GLU B 11 -13.35 23.75 37.34
C GLU B 11 -13.16 23.55 35.84
N SER B 12 -12.64 24.57 35.15
CA SER B 12 -12.38 24.43 33.73
C SER B 12 -11.05 23.66 33.68
N VAL B 13 -10.82 22.90 32.62
CA VAL B 13 -9.56 22.17 32.55
C VAL B 13 -8.51 23.22 32.22
N ASN B 14 -7.39 23.22 32.94
CA ASN B 14 -6.32 24.20 32.71
C ASN B 14 -5.81 24.21 31.27
N SER B 15 -6.36 25.10 30.44
CA SER B 15 -5.95 25.16 29.05
C SER B 15 -4.44 25.45 28.86
N GLN B 16 -3.81 26.03 29.88
CA GLN B 16 -2.39 26.34 29.79
C GLN B 16 -1.57 25.04 29.87
N PHE B 17 -2.13 24.03 30.51
CA PHE B 17 -1.43 22.76 30.64
C PHE B 17 -1.48 21.86 29.41
N TYR B 18 -2.63 21.73 28.77
CA TYR B 18 -2.72 20.81 27.62
C TYR B 18 -2.49 21.39 26.24
N LEU B 19 -2.52 22.72 26.12
CA LEU B 19 -2.29 23.31 24.81
C LEU B 19 -0.80 23.57 24.58
N PRO B 20 -0.35 23.44 23.32
CA PRO B 20 1.06 23.70 23.03
C PRO B 20 1.22 25.23 23.04
N PRO B 21 2.46 25.74 23.08
CA PRO B 21 2.60 27.21 23.09
C PRO B 21 2.33 27.77 21.69
N PRO B 22 1.95 29.05 21.60
CA PRO B 22 1.69 29.58 20.26
C PRO B 22 2.97 29.56 19.41
N PRO B 23 2.84 29.55 18.08
CA PRO B 23 3.99 29.53 17.18
C PRO B 23 4.96 30.68 17.45
N GLY B 24 6.25 30.38 17.37
CA GLY B 24 7.26 31.39 17.59
C GLY B 24 7.57 32.18 16.33
N ASN B 25 8.20 33.34 16.52
CA ASN B 25 8.56 34.25 15.43
C ASN B 25 9.09 33.62 14.14
N ASP B 26 10.04 32.71 14.25
CA ASP B 26 10.63 32.09 13.07
C ASP B 26 10.09 30.70 12.76
N ASP B 27 9.03 30.31 13.46
CA ASP B 27 8.44 28.99 13.24
C ASP B 27 7.55 28.98 12.00
N PRO B 28 7.66 27.92 11.19
CA PRO B 28 6.85 27.80 9.98
C PRO B 28 5.37 28.06 10.25
N ALA B 29 4.90 27.64 11.43
CA ALA B 29 3.51 27.83 11.80
C ALA B 29 3.14 29.31 11.87
N PHE B 30 4.09 30.16 12.23
CA PHE B 30 3.79 31.57 12.30
C PHE B 30 3.77 32.17 10.91
N ARG B 31 4.58 31.59 10.02
CA ARG B 31 4.64 32.05 8.64
C ARG B 31 3.25 31.77 8.07
N TYR B 32 2.71 30.62 8.42
CA TYR B 32 1.38 30.27 7.95
C TYR B 32 0.35 31.27 8.51
N ASP B 33 0.44 31.58 9.81
CA ASP B 33 -0.49 32.53 10.41
C ASP B 33 -0.51 33.87 9.68
N LYS B 34 0.67 34.35 9.31
CA LYS B 34 0.77 35.63 8.62
C LYS B 34 0.21 35.53 7.20
N GLU B 35 0.47 34.43 6.52
CA GLU B 35 -0.04 34.26 5.17
C GLU B 35 -1.55 34.15 5.21
N ALA B 36 -2.05 33.42 6.20
CA ALA B 36 -3.48 33.22 6.37
C ALA B 36 -4.15 34.57 6.66
N TYR B 37 -3.48 35.40 7.44
CA TYR B 37 -4.03 36.72 7.78
C TYR B 37 -4.31 37.55 6.54
N PHE B 38 -3.32 37.62 5.66
CA PHE B 38 -3.45 38.40 4.44
C PHE B 38 -4.44 37.86 3.42
N LYS B 39 -4.72 36.57 3.46
CA LYS B 39 -5.70 35.98 2.54
C LYS B 39 -7.09 36.45 2.97
N GLY B 40 -7.27 36.58 4.29
CA GLY B 40 -8.55 37.03 4.78
C GLY B 40 -8.72 38.50 4.46
N TYR B 41 -7.65 39.26 4.60
CA TYR B 41 -7.67 40.69 4.35
C TYR B 41 -8.02 41.01 2.90
N ALA B 42 -7.65 40.12 1.98
CA ALA B 42 -7.91 40.32 0.57
C ALA B 42 -9.39 40.32 0.18
N ILE B 43 -10.19 39.51 0.86
CA ILE B 43 -11.62 39.43 0.56
C ILE B 43 -12.44 40.43 1.38
N LYS B 44 -11.80 41.52 1.79
CA LYS B 44 -12.47 42.55 2.56
C LYS B 44 -13.63 43.09 1.74
N GLY B 45 -14.82 43.14 2.34
CA GLY B 45 -15.98 43.65 1.63
C GLY B 45 -16.76 42.62 0.82
N SER B 46 -16.37 41.36 0.92
CA SER B 46 -17.06 40.31 0.18
C SER B 46 -18.13 39.70 1.07
N PRO B 47 -18.94 38.78 0.51
CA PRO B 47 -20.00 38.13 1.30
C PRO B 47 -19.42 37.43 2.53
N ARG B 48 -18.45 36.55 2.31
CA ARG B 48 -17.84 35.80 3.41
C ARG B 48 -17.34 36.75 4.50
N TRP B 49 -16.78 37.88 4.06
CA TRP B 49 -16.24 38.88 4.97
C TRP B 49 -17.34 39.58 5.78
N LYS B 50 -18.53 39.72 5.19
CA LYS B 50 -19.62 40.37 5.90
C LYS B 50 -20.13 39.40 6.95
N GLN B 51 -20.11 38.11 6.62
CA GLN B 51 -20.54 37.08 7.54
C GLN B 51 -19.63 37.07 8.77
N ALA B 52 -18.32 37.21 8.51
CA ALA B 52 -17.34 37.24 9.58
C ALA B 52 -17.65 38.39 10.53
N ALA B 53 -18.13 39.51 9.98
CA ALA B 53 -18.47 40.66 10.80
C ALA B 53 -19.68 40.34 11.69
N GLU B 54 -20.64 39.59 11.15
CA GLU B 54 -21.83 39.21 11.91
C GLU B 54 -21.45 38.16 12.94
N ASP B 55 -20.56 37.25 12.55
CA ASP B 55 -20.08 36.21 13.45
C ASP B 55 -19.30 36.83 14.61
N ALA B 56 -18.84 38.06 14.43
CA ALA B 56 -18.05 38.74 15.45
C ALA B 56 -18.85 39.05 16.72
N ASP B 57 -20.15 39.24 16.57
CA ASP B 57 -21.02 39.58 17.69
C ASP B 57 -21.57 38.34 18.40
N ILE B 58 -21.16 38.16 19.65
CA ILE B 58 -21.60 37.00 20.42
C ILE B 58 -22.74 37.27 21.39
N SER B 59 -23.44 38.40 21.21
CA SER B 59 -24.59 38.70 22.07
C SER B 59 -25.59 37.57 21.84
N VAL B 60 -26.16 37.04 22.91
CA VAL B 60 -27.12 35.94 22.78
C VAL B 60 -28.12 36.12 21.63
N GLU B 61 -28.65 37.33 21.47
CA GLU B 61 -29.61 37.62 20.41
C GLU B 61 -29.06 37.20 19.05
N ASN B 62 -27.89 37.70 18.71
CA ASN B 62 -27.25 37.41 17.43
C ASN B 62 -26.88 35.93 17.32
N ILE B 63 -26.48 35.33 18.42
CA ILE B 63 -26.12 33.91 18.42
C ILE B 63 -27.36 33.04 18.14
N ALA B 64 -28.52 33.47 18.64
CA ALA B 64 -29.75 32.72 18.42
C ALA B 64 -30.17 32.88 16.96
N ARG B 65 -30.07 34.11 16.46
CA ARG B 65 -30.44 34.40 15.09
C ARG B 65 -29.61 33.56 14.12
N ILE B 66 -28.33 33.42 14.40
CA ILE B 66 -27.43 32.65 13.55
C ILE B 66 -27.67 31.14 13.55
N PHE B 67 -27.73 30.54 14.73
CA PHE B 67 -27.92 29.10 14.83
C PHE B 67 -29.34 28.56 14.71
N SER B 68 -30.36 29.41 14.87
CA SER B 68 -31.75 28.95 14.74
C SER B 68 -31.97 28.14 13.46
N PRO B 69 -31.62 28.71 12.30
CA PRO B 69 -31.82 28.00 11.04
C PRO B 69 -31.03 26.71 10.97
N VAL B 70 -29.79 26.75 11.47
CA VAL B 70 -28.93 25.58 11.43
C VAL B 70 -29.48 24.43 12.27
N VAL B 71 -29.88 24.73 13.51
CA VAL B 71 -30.41 23.67 14.37
C VAL B 71 -31.84 23.32 13.95
N GLY B 72 -32.41 24.18 13.11
CA GLY B 72 -33.77 23.93 12.64
C GLY B 72 -34.87 24.19 13.66
N ALA B 73 -34.72 25.24 14.45
CA ALA B 73 -35.73 25.58 15.45
C ALA B 73 -35.59 27.03 15.90
N LYS B 74 -36.71 27.69 16.13
CA LYS B 74 -36.71 29.07 16.59
C LYS B 74 -36.24 29.13 18.03
N ILE B 75 -35.16 29.86 18.28
CA ILE B 75 -34.64 29.99 19.63
C ILE B 75 -34.98 31.41 20.09
N SER B 76 -35.66 31.50 21.23
CA SER B 76 -36.05 32.80 21.77
C SER B 76 -36.31 32.68 23.27
N PRO B 77 -36.27 33.82 23.99
CA PRO B 77 -36.51 33.84 25.44
C PRO B 77 -37.86 33.22 25.79
N LYS B 78 -38.90 33.65 25.08
CA LYS B 78 -40.25 33.16 25.32
C LYS B 78 -40.48 31.71 24.91
N ASP B 79 -40.09 31.36 23.69
CA ASP B 79 -40.30 30.01 23.19
C ASP B 79 -39.32 28.94 23.67
N THR B 80 -38.08 29.34 23.96
CA THR B 80 -37.07 28.38 24.43
C THR B 80 -36.28 28.95 25.60
N PRO B 81 -36.89 29.03 26.79
CA PRO B 81 -36.24 29.55 27.99
C PRO B 81 -34.92 28.89 28.37
N GLU B 82 -34.95 27.57 28.55
CA GLU B 82 -33.72 26.87 28.95
C GLU B 82 -32.62 27.02 27.91
N THR B 83 -32.98 26.89 26.64
CA THR B 83 -32.00 27.02 25.55
C THR B 83 -31.38 28.41 25.59
N TRP B 84 -32.20 29.43 25.80
CA TRP B 84 -31.72 30.80 25.85
C TRP B 84 -30.67 30.94 26.96
N ASN B 85 -30.93 30.35 28.13
CA ASN B 85 -29.98 30.43 29.21
C ASN B 85 -28.75 29.58 28.89
N MET B 86 -28.98 28.45 28.23
CA MET B 86 -27.87 27.55 27.85
C MET B 86 -26.86 28.31 26.98
N LEU B 87 -27.36 29.07 26.00
CA LEU B 87 -26.50 29.84 25.13
C LEU B 87 -25.57 30.79 25.89
N GLN B 88 -26.11 31.49 26.89
CA GLN B 88 -25.34 32.45 27.67
C GLN B 88 -24.39 31.76 28.63
N ASN B 89 -24.87 30.67 29.23
CA ASN B 89 -24.07 29.93 30.18
C ASN B 89 -22.83 29.36 29.51
N LEU B 90 -23.01 28.79 28.31
CA LEU B 90 -21.88 28.21 27.58
C LEU B 90 -20.85 29.24 27.18
N LEU B 91 -21.29 30.47 26.94
CA LEU B 91 -20.34 31.52 26.56
C LEU B 91 -19.42 31.80 27.75
N LYS B 92 -19.99 31.70 28.95
CA LYS B 92 -19.25 31.95 30.18
C LYS B 92 -18.20 30.87 30.46
N VAL B 93 -18.61 29.60 30.47
CA VAL B 93 -17.66 28.53 30.76
C VAL B 93 -16.73 28.21 29.61
N GLY B 94 -17.24 28.30 28.38
CA GLY B 94 -16.45 27.98 27.21
C GLY B 94 -15.69 29.14 26.59
N GLY B 95 -16.38 30.25 26.36
CA GLY B 95 -15.72 31.40 25.77
C GLY B 95 -14.72 32.05 26.71
N TYR B 96 -15.01 32.04 28.01
CA TYR B 96 -14.12 32.69 28.98
C TYR B 96 -13.35 31.79 29.94
N TYR B 97 -14.05 31.05 30.80
CA TYR B 97 -13.39 30.18 31.77
C TYR B 97 -12.42 29.16 31.15
N ALA B 98 -12.84 28.50 30.08
CA ALA B 98 -12.02 27.47 29.46
C ALA B 98 -10.75 27.98 28.79
N THR B 99 -10.75 29.25 28.37
CA THR B 99 -9.61 29.84 27.68
C THR B 99 -8.74 30.76 28.55
N ALA B 100 -9.24 31.11 29.72
CA ALA B 100 -8.56 32.05 30.63
C ALA B 100 -7.09 31.85 30.98
N SER B 101 -6.73 30.70 31.53
CA SER B 101 -5.34 30.49 31.92
C SER B 101 -4.36 30.63 30.75
N ALA B 102 -4.66 30.02 29.61
CA ALA B 102 -3.78 30.11 28.46
C ALA B 102 -3.69 31.55 27.95
N LYS B 103 -4.83 32.24 27.86
CA LYS B 103 -4.84 33.62 27.39
C LYS B 103 -3.90 34.51 28.19
N LYS B 104 -4.06 34.49 29.51
CA LYS B 104 -3.23 35.32 30.38
C LYS B 104 -1.77 34.89 30.34
N TYR B 105 -1.53 33.59 30.35
CA TYR B 105 -0.17 33.06 30.33
C TYR B 105 0.71 33.57 29.20
N TYR B 106 0.16 33.63 27.99
CA TYR B 106 0.92 34.08 26.82
C TYR B 106 0.68 35.52 26.37
N MET B 107 -0.49 36.07 26.68
CA MET B 107 -0.83 37.44 26.27
C MET B 107 -0.37 37.74 24.84
N ARG B 108 -0.62 36.80 23.94
CA ARG B 108 -0.22 36.96 22.55
C ARG B 108 -0.87 38.18 21.90
N THR B 109 -0.10 38.84 21.05
CA THR B 109 -0.59 40.02 20.35
C THR B 109 -1.45 39.60 19.16
N ARG B 110 -2.49 40.38 18.90
CA ARG B 110 -3.39 40.11 17.80
C ARG B 110 -2.85 40.63 16.48
N PRO B 111 -3.17 39.96 15.38
CA PRO B 111 -2.68 40.38 14.07
C PRO B 111 -3.00 41.83 13.67
N PHE B 112 -4.24 42.25 13.85
CA PHE B 112 -4.61 43.62 13.48
C PHE B 112 -3.80 44.65 14.26
N VAL B 113 -3.30 44.28 15.44
CA VAL B 113 -2.48 45.18 16.24
C VAL B 113 -1.06 45.19 15.64
N LEU B 114 -0.58 43.99 15.32
CA LEU B 114 0.75 43.81 14.75
C LEU B 114 0.95 44.61 13.46
N PHE B 115 0.03 44.46 12.52
CA PHE B 115 0.12 45.13 11.25
C PHE B 115 -0.55 46.49 11.27
N ASN B 116 -1.06 46.89 12.43
CA ASN B 116 -1.72 48.17 12.57
C ASN B 116 -2.82 48.34 11.53
N HIS B 117 -3.76 47.40 11.53
CA HIS B 117 -4.88 47.41 10.58
C HIS B 117 -6.19 47.44 11.32
N SER B 118 -7.26 47.57 10.55
CA SER B 118 -8.61 47.58 11.11
C SER B 118 -9.26 46.22 10.89
N THR B 119 -10.03 45.77 11.87
CA THR B 119 -10.73 44.49 11.80
C THR B 119 -12.07 44.66 11.11
N CYS B 120 -12.87 43.59 11.07
CA CYS B 120 -14.18 43.62 10.44
C CYS B 120 -15.26 44.16 11.39
N ARG B 121 -14.89 44.38 12.65
CA ARG B 121 -15.84 44.88 13.65
C ARG B 121 -15.09 45.87 14.56
N PRO B 122 -14.79 47.06 14.04
CA PRO B 122 -14.07 48.18 14.69
C PRO B 122 -14.45 48.53 16.13
N GLU B 123 -15.74 48.41 16.45
CA GLU B 123 -16.24 48.73 17.78
C GLU B 123 -15.60 47.89 18.89
N ASP B 124 -15.36 46.61 18.60
CA ASP B 124 -14.78 45.69 19.59
C ASP B 124 -13.27 45.78 19.74
N GLU B 125 -12.62 46.57 18.91
CA GLU B 125 -11.17 46.67 18.97
C GLU B 125 -10.51 47.12 20.28
N ASN B 126 -11.09 48.09 20.99
CA ASN B 126 -10.44 48.51 22.24
C ASN B 126 -10.47 47.38 23.25
N THR B 127 -11.48 46.53 23.17
CA THR B 127 -11.60 45.40 24.08
C THR B 127 -10.59 44.30 23.71
N LEU B 128 -10.54 43.96 22.42
CA LEU B 128 -9.63 42.92 21.92
C LEU B 128 -8.18 43.19 22.30
N ARG B 129 -7.75 44.43 22.12
CA ARG B 129 -6.38 44.85 22.41
C ARG B 129 -5.91 44.48 23.82
N LYS B 130 -6.86 44.39 24.75
CA LYS B 130 -6.53 44.06 26.13
C LYS B 130 -6.62 42.57 26.42
N ASP B 131 -7.09 41.80 25.45
CA ASP B 131 -7.25 40.38 25.65
C ASP B 131 -6.27 39.50 24.87
N GLY B 132 -5.60 38.59 25.58
CA GLY B 132 -4.66 37.68 24.95
C GLY B 132 -5.29 36.99 23.76
N SER B 133 -4.55 36.90 22.66
CA SER B 133 -5.02 36.30 21.42
C SER B 133 -5.14 34.78 21.40
N TYR B 134 -4.26 34.09 22.10
CA TYR B 134 -4.23 32.63 22.10
C TYR B 134 -4.70 32.00 23.42
N PRO B 135 -5.76 31.16 23.37
CA PRO B 135 -6.54 30.77 22.19
C PRO B 135 -7.76 31.68 21.99
N SER B 136 -8.50 31.43 20.91
CA SER B 136 -9.69 32.20 20.59
C SER B 136 -10.93 31.77 21.39
N GLY B 137 -11.56 32.74 22.05
CA GLY B 137 -12.76 32.46 22.84
C GLY B 137 -13.99 32.26 21.98
N HIS B 138 -14.16 33.08 20.95
CA HIS B 138 -15.30 32.93 20.03
C HIS B 138 -15.28 31.50 19.47
N THR B 139 -14.11 31.03 19.07
CA THR B 139 -13.96 29.70 18.51
C THR B 139 -14.32 28.61 19.50
N ALA B 140 -13.80 28.71 20.72
CA ALA B 140 -14.06 27.73 21.75
C ALA B 140 -15.56 27.68 22.06
N TYR B 141 -16.20 28.84 22.07
CA TYR B 141 -17.63 28.93 22.33
C TYR B 141 -18.44 28.30 21.21
N SER B 142 -18.19 28.71 19.98
CA SER B 142 -18.92 28.17 18.84
C SER B 142 -18.76 26.66 18.73
N THR B 143 -17.53 26.16 18.91
CA THR B 143 -17.28 24.74 18.85
C THR B 143 -18.11 24.04 19.92
N LEU B 144 -17.96 24.50 21.16
CA LEU B 144 -18.71 23.94 22.28
C LEU B 144 -20.22 23.96 21.97
N LEU B 145 -20.69 25.10 21.49
CA LEU B 145 -22.09 25.30 21.17
C LEU B 145 -22.59 24.33 20.10
N ALA B 146 -21.78 24.17 19.05
CA ALA B 146 -22.14 23.26 17.97
C ALA B 146 -22.34 21.86 18.54
N LEU B 147 -21.41 21.44 19.38
CA LEU B 147 -21.46 20.11 19.99
C LEU B 147 -22.66 19.92 20.91
N VAL B 148 -22.94 20.91 21.77
CA VAL B 148 -24.07 20.79 22.67
C VAL B 148 -25.40 20.70 21.92
N LEU B 149 -25.55 21.51 20.87
CA LEU B 149 -26.77 21.48 20.10
C LEU B 149 -26.89 20.18 19.33
N SER B 150 -25.73 19.62 18.94
CA SER B 150 -25.70 18.36 18.20
C SER B 150 -26.12 17.21 19.12
N GLN B 151 -25.89 17.40 20.40
CA GLN B 151 -26.26 16.37 21.36
C GLN B 151 -27.77 16.46 21.60
N ALA B 152 -28.33 17.64 21.37
CA ALA B 152 -29.77 17.88 21.56
C ALA B 152 -30.62 17.56 20.34
N ARG B 153 -30.06 17.77 19.15
CA ARG B 153 -30.77 17.56 17.90
C ARG B 153 -29.77 16.90 16.94
N PRO B 154 -29.43 15.62 17.20
CA PRO B 154 -28.49 14.77 16.46
C PRO B 154 -28.61 14.75 14.94
N GLU B 155 -29.82 14.95 14.42
CA GLU B 155 -30.04 14.92 12.97
C GLU B 155 -29.50 16.13 12.23
N ARG B 156 -29.17 17.18 12.98
CA ARG B 156 -28.62 18.41 12.41
C ARG B 156 -27.13 18.51 12.71
N ALA B 157 -26.55 17.37 13.10
CA ALA B 157 -25.13 17.30 13.44
C ALA B 157 -24.19 17.84 12.39
N GLN B 158 -24.34 17.39 11.14
CA GLN B 158 -23.43 17.85 10.10
C GLN B 158 -23.52 19.35 9.87
N GLU B 159 -24.73 19.90 9.89
CA GLU B 159 -24.92 21.34 9.70
C GLU B 159 -24.28 22.10 10.86
N LEU B 160 -24.49 21.61 12.08
CA LEU B 160 -23.93 22.25 13.26
C LEU B 160 -22.40 22.22 13.26
N ALA B 161 -21.84 21.07 12.91
CA ALA B 161 -20.39 20.92 12.89
C ALA B 161 -19.79 21.88 11.87
N ARG B 162 -20.42 21.97 10.71
CA ARG B 162 -19.96 22.85 9.65
C ARG B 162 -19.99 24.32 10.05
N ARG B 163 -21.15 24.79 10.52
CA ARG B 163 -21.30 26.18 10.93
C ARG B 163 -20.38 26.50 12.12
N GLY B 164 -20.15 25.52 12.98
CA GLY B 164 -19.27 25.76 14.11
C GLY B 164 -17.88 26.07 13.59
N TRP B 165 -17.44 25.31 12.61
CA TRP B 165 -16.13 25.48 12.00
C TRP B 165 -16.00 26.86 11.34
N GLU B 166 -16.98 27.24 10.52
CA GLU B 166 -16.91 28.53 9.85
C GLU B 166 -16.96 29.70 10.83
N PHE B 167 -17.67 29.52 11.95
CA PHE B 167 -17.76 30.58 12.95
C PHE B 167 -16.35 30.90 13.44
N GLY B 168 -15.54 29.86 13.60
CA GLY B 168 -14.17 30.04 14.04
C GLY B 168 -13.33 30.71 12.97
N GLN B 169 -13.45 30.23 11.72
CA GLN B 169 -12.69 30.82 10.62
C GLN B 169 -12.98 32.31 10.47
N SER B 170 -14.18 32.75 10.85
CA SER B 170 -14.52 34.16 10.75
C SER B 170 -13.55 35.03 11.55
N ARG B 171 -13.02 34.51 12.66
CA ARG B 171 -12.07 35.26 13.47
C ARG B 171 -10.75 35.50 12.73
N VAL B 172 -10.40 34.56 11.85
CA VAL B 172 -9.17 34.69 11.08
C VAL B 172 -9.40 35.74 9.99
N ILE B 173 -10.51 35.58 9.28
CA ILE B 173 -10.88 36.48 8.20
C ILE B 173 -11.17 37.90 8.71
N CYS B 174 -11.68 38.00 9.93
CA CYS B 174 -12.00 39.29 10.51
C CYS B 174 -10.77 40.07 10.97
N GLY B 175 -9.64 39.37 11.09
CA GLY B 175 -8.40 40.02 11.50
C GLY B 175 -8.15 40.02 13.00
N ALA B 176 -9.07 39.42 13.75
CA ALA B 176 -8.97 39.38 15.21
C ALA B 176 -8.06 38.31 15.75
N HIS B 177 -7.88 37.23 15.00
CA HIS B 177 -7.07 36.12 15.45
C HIS B 177 -6.16 35.50 14.40
N TRP B 178 -5.13 34.81 14.88
CA TRP B 178 -4.21 34.09 14.02
C TRP B 178 -4.88 32.74 13.80
N GLN B 179 -4.59 32.10 12.67
CA GLN B 179 -5.16 30.79 12.40
C GLN B 179 -4.85 29.86 13.58
N SER B 180 -3.65 29.95 14.13
CA SER B 180 -3.29 29.08 15.24
C SER B 180 -4.13 29.29 16.51
N ASP B 181 -4.67 30.50 16.70
CA ASP B 181 -5.52 30.76 17.87
C ASP B 181 -6.82 30.00 17.72
N VAL B 182 -7.30 29.94 16.48
CA VAL B 182 -8.55 29.26 16.17
C VAL B 182 -8.39 27.75 16.26
N ASP B 183 -7.31 27.21 15.70
CA ASP B 183 -7.10 25.75 15.79
C ASP B 183 -7.08 25.30 17.24
N ALA B 184 -6.44 26.09 18.12
CA ALA B 184 -6.36 25.73 19.53
C ALA B 184 -7.71 25.94 20.22
N GLY B 185 -8.47 26.92 19.77
CA GLY B 185 -9.78 27.18 20.35
C GLY B 185 -10.73 26.02 20.16
N ARG B 186 -10.68 25.38 19.00
CA ARG B 186 -11.56 24.25 18.73
C ARG B 186 -11.31 23.11 19.71
N TYR B 187 -10.04 22.85 20.00
CA TYR B 187 -9.70 21.80 20.92
C TYR B 187 -10.14 22.15 22.35
N VAL B 188 -10.02 23.43 22.71
CA VAL B 188 -10.43 23.89 24.03
C VAL B 188 -11.95 23.67 24.20
N GLY B 189 -12.70 23.94 23.13
CA GLY B 189 -14.14 23.76 23.15
C GLY B 189 -14.53 22.30 23.31
N ALA B 190 -13.75 21.41 22.70
CA ALA B 190 -14.03 19.99 22.82
C ALA B 190 -13.75 19.51 24.25
N VAL B 191 -12.64 19.98 24.82
CA VAL B 191 -12.25 19.60 26.17
C VAL B 191 -13.26 20.07 27.21
N GLU B 192 -13.78 21.28 27.03
CA GLU B 192 -14.78 21.83 27.94
C GLU B 192 -16.05 21.01 27.80
N PHE B 193 -16.42 20.71 26.56
CA PHE B 193 -17.61 19.93 26.27
C PHE B 193 -17.58 18.62 27.08
N ALA B 194 -16.44 17.93 27.09
CA ALA B 194 -16.32 16.68 27.83
C ALA B 194 -16.48 16.88 29.34
N ARG B 195 -15.94 17.98 29.84
CA ARG B 195 -16.03 18.31 31.26
C ARG B 195 -17.47 18.56 31.68
N LEU B 196 -18.24 19.21 30.81
CA LEU B 196 -19.63 19.51 31.10
C LEU B 196 -20.47 18.25 31.28
N GLN B 197 -20.13 17.19 30.54
CA GLN B 197 -20.88 15.94 30.63
C GLN B 197 -20.94 15.38 32.05
N THR B 198 -19.93 15.67 32.85
CA THR B 198 -19.85 15.13 34.22
C THR B 198 -20.52 16.03 35.26
N ILE B 199 -21.08 17.15 34.82
CA ILE B 199 -21.74 18.07 35.73
C ILE B 199 -23.26 17.93 35.71
N PRO B 200 -23.85 17.57 36.85
CA PRO B 200 -25.31 17.40 36.96
C PRO B 200 -26.11 18.60 36.44
N ALA B 201 -25.75 19.80 36.89
CA ALA B 201 -26.45 21.00 36.44
C ALA B 201 -26.55 21.04 34.91
N PHE B 202 -25.47 20.71 34.22
CA PHE B 202 -25.45 20.72 32.76
C PHE B 202 -26.42 19.68 32.19
N GLN B 203 -26.35 18.46 32.73
CA GLN B 203 -27.23 17.37 32.29
C GLN B 203 -28.72 17.71 32.44
N LYS B 204 -29.08 18.40 33.53
CA LYS B 204 -30.47 18.78 33.76
C LYS B 204 -30.90 19.77 32.70
N SER B 205 -30.05 20.76 32.47
CA SER B 205 -30.32 21.80 31.50
C SER B 205 -30.45 21.23 30.08
N LEU B 206 -29.56 20.31 29.72
CA LEU B 206 -29.59 19.70 28.40
C LEU B 206 -30.91 18.99 28.15
N ALA B 207 -31.35 18.22 29.14
CA ALA B 207 -32.60 17.47 29.02
C ALA B 207 -33.75 18.40 28.66
N LYS B 208 -33.79 19.58 29.27
CA LYS B 208 -34.85 20.53 28.98
C LYS B 208 -34.61 21.17 27.61
N VAL B 209 -33.34 21.45 27.32
CA VAL B 209 -33.01 22.06 26.04
C VAL B 209 -33.48 21.11 24.94
N ARG B 210 -33.17 19.83 25.12
CA ARG B 210 -33.55 18.80 24.15
C ARG B 210 -35.03 18.84 23.79
N GLU B 211 -35.90 18.88 24.81
CA GLU B 211 -37.33 18.90 24.53
C GLU B 211 -37.82 20.20 23.90
N GLU B 212 -37.18 21.32 24.21
CA GLU B 212 -37.60 22.60 23.61
C GLU B 212 -37.32 22.64 22.11
N LEU B 213 -36.14 22.16 21.72
CA LEU B 213 -35.73 22.17 20.32
C LEU B 213 -36.30 21.04 19.47
N ASN B 214 -36.98 20.10 20.13
CA ASN B 214 -37.59 18.98 19.41
C ASN B 214 -39.10 19.16 19.38
N ASP B 215 -39.59 20.14 20.13
CA ASP B 215 -41.02 20.45 20.19
C ASP B 215 -41.52 20.86 18.80
N LYS B 216 -42.66 20.28 18.40
CA LYS B 216 -43.25 20.56 17.10
C LYS B 216 -43.55 22.05 16.86
N ASN B 217 -43.96 22.76 17.92
CA ASN B 217 -44.28 24.17 17.77
C ASN B 217 -43.07 25.06 17.49
N ASN B 218 -41.89 24.60 17.86
CA ASN B 218 -40.68 25.40 17.63
C ASN B 218 -39.89 24.96 16.40
N LEU B 219 -40.45 24.07 15.59
CA LEU B 219 -39.76 23.59 14.39
C LEU B 219 -39.63 24.72 13.36
N LEU B 220 -38.47 24.78 12.71
CA LEU B 220 -38.22 25.82 11.71
C LEU B 220 -37.55 25.24 10.47
N SER B 221 -37.93 25.74 9.29
CA SER B 221 -37.39 25.28 8.03
C SER B 221 -36.32 26.21 7.43
N MET C 3 37.16 -19.93 -29.56
CA MET C 3 36.47 -21.03 -28.82
C MET C 3 36.68 -20.86 -27.31
N GLN C 4 36.29 -19.70 -26.79
CA GLN C 4 36.43 -19.38 -25.38
C GLN C 4 35.08 -19.01 -24.76
N PRO C 5 34.82 -19.47 -23.52
CA PRO C 5 33.56 -19.18 -22.84
C PRO C 5 33.23 -17.70 -22.86
N PHE C 6 31.95 -17.39 -23.03
CA PHE C 6 31.47 -16.02 -23.08
C PHE C 6 31.74 -15.31 -21.76
N HIS C 7 31.73 -16.08 -20.69
CA HIS C 7 32.01 -15.54 -19.36
C HIS C 7 32.51 -16.68 -18.50
N SER C 8 33.05 -16.36 -17.33
CA SER C 8 33.57 -17.39 -16.43
C SER C 8 32.50 -17.93 -15.50
N PRO C 9 32.79 -19.04 -14.80
CA PRO C 9 31.85 -19.66 -13.87
C PRO C 9 31.35 -18.66 -12.84
N GLU C 10 32.24 -17.81 -12.34
CA GLU C 10 31.91 -16.81 -11.33
C GLU C 10 31.03 -15.69 -11.88
N GLU C 11 30.97 -15.56 -13.20
CA GLU C 11 30.18 -14.51 -13.81
C GLU C 11 28.76 -14.89 -14.17
N SER C 12 28.40 -16.13 -13.86
CA SER C 12 27.05 -16.59 -14.13
C SER C 12 26.24 -16.25 -12.88
N VAL C 13 24.93 -16.07 -13.06
CA VAL C 13 24.07 -15.74 -11.95
C VAL C 13 23.98 -16.97 -11.03
N ASN C 14 24.12 -16.75 -9.74
CA ASN C 14 24.08 -17.85 -8.76
C ASN C 14 22.70 -18.51 -8.71
N SER C 15 22.59 -19.70 -9.29
CA SER C 15 21.32 -20.43 -9.33
C SER C 15 20.85 -20.87 -7.95
N GLN C 16 21.80 -21.15 -7.05
CA GLN C 16 21.47 -21.57 -5.70
C GLN C 16 20.74 -20.43 -4.96
N PHE C 17 20.96 -19.20 -5.39
CA PHE C 17 20.29 -18.09 -4.72
C PHE C 17 18.86 -17.82 -5.20
N TYR C 18 18.64 -17.80 -6.52
CA TYR C 18 17.31 -17.48 -7.03
C TYR C 18 16.33 -18.62 -7.25
N LEU C 19 16.79 -19.86 -7.13
CA LEU C 19 15.90 -21.00 -7.31
C LEU C 19 15.41 -21.50 -5.96
N PRO C 20 14.18 -22.00 -5.90
CA PRO C 20 13.72 -22.52 -4.60
C PRO C 20 14.38 -23.87 -4.40
N PRO C 21 14.42 -24.37 -3.16
CA PRO C 21 15.06 -25.68 -2.99
C PRO C 21 14.17 -26.73 -3.66
N PRO C 22 14.74 -27.91 -3.96
CA PRO C 22 13.96 -28.98 -4.61
C PRO C 22 12.94 -29.61 -3.67
N PRO C 23 11.82 -30.10 -4.22
CA PRO C 23 10.76 -30.72 -3.43
C PRO C 23 11.26 -31.93 -2.65
N GLY C 24 10.83 -32.02 -1.39
CA GLY C 24 11.21 -33.13 -0.53
C GLY C 24 10.07 -34.13 -0.43
N ASN C 25 10.38 -35.30 0.14
CA ASN C 25 9.43 -36.42 0.28
C ASN C 25 7.93 -36.19 0.31
N ASP C 26 7.44 -35.37 1.25
CA ASP C 26 6.00 -35.15 1.33
C ASP C 26 5.44 -33.92 0.63
N ASP C 27 6.27 -33.23 -0.14
CA ASP C 27 5.77 -32.07 -0.85
C ASP C 27 4.90 -32.53 -2.02
N PRO C 28 3.80 -31.80 -2.28
CA PRO C 28 2.89 -32.16 -3.37
C PRO C 28 3.65 -32.32 -4.68
N ALA C 29 4.61 -31.44 -4.89
CA ALA C 29 5.42 -31.43 -6.10
C ALA C 29 6.26 -32.70 -6.25
N PHE C 30 6.70 -33.27 -5.13
CA PHE C 30 7.50 -34.47 -5.22
C PHE C 30 6.64 -35.68 -5.59
N ARG C 31 5.40 -35.73 -5.11
CA ARG C 31 4.53 -36.84 -5.47
C ARG C 31 4.32 -36.75 -6.97
N TYR C 32 4.17 -35.54 -7.46
CA TYR C 32 3.99 -35.32 -8.88
C TYR C 32 5.26 -35.80 -9.62
N ASP C 33 6.43 -35.49 -9.05
CA ASP C 33 7.69 -35.92 -9.65
C ASP C 33 7.75 -37.43 -9.80
N LYS C 34 7.28 -38.15 -8.77
CA LYS C 34 7.29 -39.61 -8.81
C LYS C 34 6.36 -40.14 -9.88
N GLU C 35 5.17 -39.55 -10.00
CA GLU C 35 4.20 -39.99 -11.00
C GLU C 35 4.71 -39.70 -12.40
N ALA C 36 5.28 -38.51 -12.58
CA ALA C 36 5.80 -38.13 -13.89
C ALA C 36 6.91 -39.08 -14.32
N TYR C 37 7.67 -39.58 -13.36
CA TYR C 37 8.75 -40.50 -13.69
C TYR C 37 8.21 -41.83 -14.18
N PHE C 38 7.27 -42.41 -13.44
CA PHE C 38 6.69 -43.70 -13.82
C PHE C 38 5.85 -43.64 -15.07
N LYS C 39 5.22 -42.49 -15.30
CA LYS C 39 4.41 -42.31 -16.48
C LYS C 39 5.34 -42.33 -17.70
N GLY C 40 6.57 -41.86 -17.51
CA GLY C 40 7.54 -41.84 -18.59
C GLY C 40 8.21 -43.19 -18.81
N TYR C 41 8.37 -43.94 -17.73
CA TYR C 41 8.99 -45.26 -17.80
C TYR C 41 8.02 -46.23 -18.48
N ALA C 42 6.74 -45.88 -18.44
CA ALA C 42 5.69 -46.70 -19.03
C ALA C 42 5.75 -46.77 -20.55
N ILE C 43 6.01 -45.63 -21.19
CA ILE C 43 6.06 -45.57 -22.65
C ILE C 43 7.44 -45.96 -23.19
N LYS C 44 8.15 -46.76 -22.43
CA LYS C 44 9.47 -47.23 -22.81
C LYS C 44 9.39 -47.93 -24.18
N GLY C 45 10.38 -47.67 -25.04
CA GLY C 45 10.39 -48.29 -26.35
C GLY C 45 9.51 -47.61 -27.39
N SER C 46 8.63 -46.71 -26.94
CA SER C 46 7.74 -46.01 -27.87
C SER C 46 8.49 -44.95 -28.68
N PRO C 47 7.81 -44.32 -29.64
CA PRO C 47 8.43 -43.29 -30.47
C PRO C 47 8.94 -42.10 -29.65
N ARG C 48 8.14 -41.64 -28.70
CA ARG C 48 8.57 -40.51 -27.88
C ARG C 48 9.81 -40.88 -27.07
N TRP C 49 9.87 -42.12 -26.63
CA TRP C 49 11.02 -42.59 -25.85
C TRP C 49 12.27 -42.58 -26.72
N LYS C 50 12.13 -42.92 -28.00
CA LYS C 50 13.28 -42.91 -28.89
C LYS C 50 13.71 -41.46 -29.13
N GLN C 51 12.75 -40.55 -29.18
CA GLN C 51 13.08 -39.14 -29.39
C GLN C 51 13.81 -38.61 -28.16
N ALA C 52 13.46 -39.13 -26.99
CA ALA C 52 14.10 -38.71 -25.75
C ALA C 52 15.56 -39.15 -25.76
N ALA C 53 15.81 -40.31 -26.39
CA ALA C 53 17.15 -40.87 -26.51
C ALA C 53 18.02 -40.01 -27.40
N GLU C 54 17.45 -39.52 -28.49
CA GLU C 54 18.19 -38.65 -29.41
C GLU C 54 18.48 -37.32 -28.72
N ASP C 55 17.48 -36.77 -28.04
CA ASP C 55 17.64 -35.51 -27.35
C ASP C 55 18.71 -35.56 -26.27
N ALA C 56 18.91 -36.74 -25.69
CA ALA C 56 19.90 -36.91 -24.62
C ALA C 56 21.34 -36.68 -25.07
N ASP C 57 21.59 -36.79 -26.37
CA ASP C 57 22.93 -36.60 -26.95
C ASP C 57 23.15 -35.10 -27.22
N ILE C 58 23.97 -34.45 -26.40
CA ILE C 58 24.20 -33.02 -26.60
C ILE C 58 25.48 -32.66 -27.35
N SER C 59 26.06 -33.61 -28.05
CA SER C 59 27.27 -33.32 -28.83
C SER C 59 26.85 -32.30 -29.89
N VAL C 60 27.75 -31.37 -30.22
CA VAL C 60 27.42 -30.35 -31.21
C VAL C 60 26.84 -30.94 -32.49
N GLU C 61 27.38 -32.07 -32.94
CA GLU C 61 26.89 -32.72 -34.15
C GLU C 61 25.40 -33.06 -34.05
N ASN C 62 25.01 -33.67 -32.95
CA ASN C 62 23.62 -34.04 -32.77
C ASN C 62 22.69 -32.82 -32.59
N ILE C 63 23.14 -31.83 -31.83
CA ILE C 63 22.33 -30.64 -31.62
C ILE C 63 22.11 -29.92 -32.94
N ALA C 64 23.18 -29.79 -33.72
CA ALA C 64 23.08 -29.12 -35.02
C ALA C 64 22.08 -29.86 -35.90
N ARG C 65 22.09 -31.19 -35.82
CA ARG C 65 21.16 -31.99 -36.61
C ARG C 65 19.71 -31.82 -36.14
N ILE C 66 19.54 -31.72 -34.83
CA ILE C 66 18.20 -31.55 -34.30
C ILE C 66 17.59 -30.17 -34.59
N PHE C 67 18.36 -29.11 -34.45
CA PHE C 67 17.81 -27.77 -34.68
C PHE C 67 17.90 -27.20 -36.08
N SER C 68 18.73 -27.79 -36.92
CA SER C 68 18.87 -27.30 -38.29
C SER C 68 17.50 -27.24 -38.95
N PRO C 69 16.66 -28.26 -38.75
CA PRO C 69 15.33 -28.23 -39.37
C PRO C 69 14.43 -27.20 -38.71
N VAL C 70 14.57 -27.03 -37.40
CA VAL C 70 13.76 -26.09 -36.65
C VAL C 70 14.09 -24.66 -37.01
N VAL C 71 15.37 -24.35 -37.14
CA VAL C 71 15.79 -23.00 -37.48
C VAL C 71 15.59 -22.75 -38.97
N GLY C 72 15.60 -23.82 -39.76
CA GLY C 72 15.39 -23.67 -41.20
C GLY C 72 16.63 -23.27 -41.97
N ALA C 73 17.79 -23.66 -41.46
CA ALA C 73 19.07 -23.36 -42.10
C ALA C 73 20.03 -24.48 -41.73
N LYS C 74 20.85 -24.88 -42.68
CA LYS C 74 21.81 -25.93 -42.40
C LYS C 74 22.88 -25.37 -41.48
N ILE C 75 23.24 -26.16 -40.48
CA ILE C 75 24.25 -25.76 -39.51
C ILE C 75 25.42 -26.72 -39.64
N SER C 76 26.59 -26.19 -39.97
CA SER C 76 27.78 -27.02 -40.12
C SER C 76 29.03 -26.19 -39.86
N PRO C 77 30.15 -26.85 -39.56
CA PRO C 77 31.42 -26.16 -39.29
C PRO C 77 31.84 -25.32 -40.49
N LYS C 78 31.62 -25.85 -41.68
CA LYS C 78 31.98 -25.19 -42.92
C LYS C 78 31.14 -23.96 -43.26
N ASP C 79 29.83 -24.17 -43.35
CA ASP C 79 28.90 -23.12 -43.73
C ASP C 79 28.52 -22.10 -42.63
N THR C 80 28.46 -22.54 -41.38
CA THR C 80 28.10 -21.64 -40.29
C THR C 80 29.09 -21.81 -39.15
N PRO C 81 30.36 -21.45 -39.41
CA PRO C 81 31.41 -21.57 -38.40
C PRO C 81 31.13 -20.85 -37.08
N GLU C 82 30.48 -19.69 -37.14
CA GLU C 82 30.21 -18.96 -35.91
C GLU C 82 29.08 -19.61 -35.12
N THR C 83 28.07 -20.13 -35.83
CA THR C 83 26.94 -20.78 -35.18
C THR C 83 27.40 -22.09 -34.57
N TRP C 84 28.37 -22.73 -35.22
CA TRP C 84 28.92 -24.00 -34.75
C TRP C 84 29.61 -23.79 -33.40
N ASN C 85 30.30 -22.66 -33.25
CA ASN C 85 30.96 -22.37 -31.99
C ASN C 85 29.96 -21.90 -30.93
N MET C 86 28.95 -21.15 -31.39
CA MET C 86 27.90 -20.63 -30.52
C MET C 86 27.22 -21.79 -29.79
N LEU C 87 26.94 -22.88 -30.52
CA LEU C 87 26.28 -24.06 -29.96
C LEU C 87 27.07 -24.74 -28.85
N GLN C 88 28.39 -24.72 -28.97
CA GLN C 88 29.26 -25.35 -27.98
C GLN C 88 29.52 -24.42 -26.81
N ASN C 89 29.53 -23.12 -27.10
CA ASN C 89 29.78 -22.13 -26.06
C ASN C 89 28.59 -22.02 -25.11
N LEU C 90 27.38 -22.08 -25.66
CA LEU C 90 26.18 -21.98 -24.86
C LEU C 90 26.06 -23.20 -23.95
N LEU C 91 26.61 -24.33 -24.39
CA LEU C 91 26.56 -25.57 -23.61
C LEU C 91 27.41 -25.44 -22.36
N LYS C 92 28.50 -24.70 -22.49
CA LYS C 92 29.42 -24.47 -21.38
C LYS C 92 28.85 -23.48 -20.36
N VAL C 93 28.38 -22.33 -20.84
CA VAL C 93 27.85 -21.30 -19.95
C VAL C 93 26.43 -21.56 -19.44
N GLY C 94 25.57 -22.10 -20.30
CA GLY C 94 24.20 -22.37 -19.91
C GLY C 94 23.96 -23.77 -19.37
N GLY C 95 24.68 -24.75 -19.89
CA GLY C 95 24.52 -26.11 -19.41
C GLY C 95 25.24 -26.38 -18.10
N TYR C 96 26.49 -25.92 -17.98
CA TYR C 96 27.26 -26.19 -16.76
C TYR C 96 27.49 -25.03 -15.79
N TYR C 97 27.94 -23.90 -16.29
CA TYR C 97 28.20 -22.75 -15.42
C TYR C 97 26.93 -22.25 -14.73
N ALA C 98 25.86 -22.07 -15.51
CA ALA C 98 24.61 -21.56 -14.98
C ALA C 98 23.87 -22.45 -13.98
N THR C 99 24.13 -23.75 -14.02
CA THR C 99 23.45 -24.71 -13.15
C THR C 99 24.30 -25.21 -12.00
N ALA C 100 25.61 -24.97 -12.10
CA ALA C 100 26.59 -25.46 -11.13
C ALA C 100 26.30 -25.35 -9.63
N SER C 101 26.22 -24.13 -9.11
CA SER C 101 26.01 -23.94 -7.68
C SER C 101 24.79 -24.61 -7.09
N ALA C 102 23.66 -24.56 -7.78
CA ALA C 102 22.46 -25.20 -7.26
C ALA C 102 22.63 -26.71 -7.30
N LYS C 103 23.27 -27.20 -8.36
CA LYS C 103 23.48 -28.64 -8.51
C LYS C 103 24.28 -29.21 -7.36
N LYS C 104 25.42 -28.60 -7.09
CA LYS C 104 26.31 -29.08 -6.05
C LYS C 104 25.81 -28.82 -4.64
N TYR C 105 25.01 -27.77 -4.46
CA TYR C 105 24.51 -27.44 -3.14
C TYR C 105 23.53 -28.48 -2.61
N TYR C 106 22.64 -28.95 -3.48
CA TYR C 106 21.62 -29.93 -3.07
C TYR C 106 21.96 -31.37 -3.41
N MET C 107 22.83 -31.58 -4.39
CA MET C 107 23.21 -32.93 -4.80
C MET C 107 21.98 -33.84 -4.73
N ARG C 108 20.92 -33.40 -5.38
CA ARG C 108 19.68 -34.16 -5.39
C ARG C 108 19.85 -35.47 -6.14
N THR C 109 19.32 -36.55 -5.55
CA THR C 109 19.43 -37.86 -6.17
C THR C 109 18.57 -37.93 -7.41
N ARG C 110 19.10 -38.54 -8.47
CA ARG C 110 18.35 -38.67 -9.71
C ARG C 110 17.33 -39.78 -9.57
N PRO C 111 16.20 -39.67 -10.30
CA PRO C 111 15.17 -40.70 -10.22
C PRO C 111 15.61 -42.15 -10.54
N PHE C 112 16.37 -42.33 -11.62
CA PHE C 112 16.77 -43.69 -11.97
C PHE C 112 17.66 -44.30 -10.91
N VAL C 113 18.35 -43.45 -10.16
CA VAL C 113 19.23 -43.93 -9.10
C VAL C 113 18.38 -44.38 -7.93
N LEU C 114 17.44 -43.52 -7.54
CA LEU C 114 16.55 -43.82 -6.42
C LEU C 114 15.73 -45.09 -6.65
N PHE C 115 15.26 -45.27 -7.87
CA PHE C 115 14.43 -46.44 -8.18
C PHE C 115 15.13 -47.62 -8.84
N ASN C 116 16.46 -47.58 -8.92
CA ASN C 116 17.23 -48.68 -9.51
C ASN C 116 16.73 -49.11 -10.89
N HIS C 117 16.58 -48.15 -11.80
CA HIS C 117 16.15 -48.43 -13.17
C HIS C 117 17.16 -47.81 -14.10
N SER C 118 17.22 -48.28 -15.34
CA SER C 118 18.16 -47.71 -16.29
C SER C 118 17.41 -46.63 -17.09
N THR C 119 18.15 -45.80 -17.80
CA THR C 119 17.53 -44.72 -18.56
C THR C 119 17.49 -44.94 -20.06
N CYS C 120 16.99 -43.93 -20.77
CA CYS C 120 16.87 -43.99 -22.22
C CYS C 120 18.22 -43.91 -22.92
N ARG C 121 19.26 -43.54 -22.18
CA ARG C 121 20.61 -43.45 -22.74
C ARG C 121 21.62 -44.01 -21.74
N PRO C 122 21.66 -45.34 -21.60
CA PRO C 122 22.54 -46.08 -20.68
C PRO C 122 24.00 -45.66 -20.53
N GLU C 123 24.66 -45.26 -21.62
CA GLU C 123 26.07 -44.88 -21.51
C GLU C 123 26.34 -43.63 -20.68
N ASP C 124 25.40 -42.69 -20.67
CA ASP C 124 25.54 -41.45 -19.90
C ASP C 124 25.41 -41.68 -18.39
N GLU C 125 24.76 -42.78 -18.02
CA GLU C 125 24.50 -43.09 -16.61
C GLU C 125 25.63 -43.04 -15.58
N ASN C 126 26.83 -43.49 -15.95
CA ASN C 126 27.94 -43.46 -15.00
C ASN C 126 28.29 -42.04 -14.60
N THR C 127 28.17 -41.11 -15.54
CA THR C 127 28.47 -39.71 -15.29
C THR C 127 27.38 -39.04 -14.46
N LEU C 128 26.12 -39.29 -14.81
CA LEU C 128 24.99 -38.69 -14.13
C LEU C 128 24.88 -39.04 -12.64
N ARG C 129 25.26 -40.27 -12.29
CA ARG C 129 25.22 -40.72 -10.89
C ARG C 129 26.00 -39.83 -9.92
N LYS C 130 26.97 -39.08 -10.46
CA LYS C 130 27.80 -38.20 -9.65
C LYS C 130 27.35 -36.75 -9.74
N ASP C 131 26.47 -36.48 -10.69
CA ASP C 131 25.99 -35.12 -10.94
C ASP C 131 24.64 -34.77 -10.30
N GLY C 132 24.63 -33.67 -9.54
CA GLY C 132 23.41 -33.22 -8.89
C GLY C 132 22.28 -33.11 -9.89
N SER C 133 21.13 -33.68 -9.54
CA SER C 133 19.94 -33.70 -10.39
C SER C 133 19.19 -32.37 -10.58
N TYR C 134 19.30 -31.48 -9.60
CA TYR C 134 18.60 -30.19 -9.62
C TYR C 134 19.52 -29.00 -9.72
N PRO C 135 19.41 -28.18 -10.78
CA PRO C 135 18.46 -28.28 -11.89
C PRO C 135 19.07 -29.01 -13.10
N SER C 136 18.22 -29.33 -14.07
CA SER C 136 18.62 -30.03 -15.29
C SER C 136 19.54 -29.22 -16.18
N GLY C 137 20.71 -29.79 -16.49
CA GLY C 137 21.66 -29.11 -17.35
C GLY C 137 21.20 -29.06 -18.80
N HIS C 138 20.66 -30.17 -19.29
CA HIS C 138 20.16 -30.24 -20.67
C HIS C 138 19.03 -29.24 -20.92
N THR C 139 18.20 -29.02 -19.91
CA THR C 139 17.07 -28.11 -20.04
C THR C 139 17.53 -26.66 -20.10
N ALA C 140 18.41 -26.28 -19.19
CA ALA C 140 18.90 -24.91 -19.18
C ALA C 140 19.50 -24.60 -20.55
N TYR C 141 20.33 -25.53 -21.04
CA TYR C 141 20.98 -25.38 -22.33
C TYR C 141 20.04 -25.25 -23.54
N SER C 142 19.15 -26.22 -23.70
CA SER C 142 18.22 -26.20 -24.82
C SER C 142 17.26 -25.00 -24.77
N THR C 143 16.97 -24.52 -23.57
CA THR C 143 16.11 -23.34 -23.42
C THR C 143 16.93 -22.15 -23.90
N LEU C 144 18.14 -22.02 -23.39
CA LEU C 144 19.03 -20.93 -23.78
C LEU C 144 19.19 -20.94 -25.31
N LEU C 145 19.52 -22.10 -25.86
CA LEU C 145 19.70 -22.24 -27.30
C LEU C 145 18.47 -21.77 -28.08
N ALA C 146 17.29 -22.18 -27.62
CA ALA C 146 16.04 -21.81 -28.25
C ALA C 146 15.83 -20.30 -28.30
N LEU C 147 16.17 -19.64 -27.21
CA LEU C 147 16.02 -18.19 -27.09
C LEU C 147 17.05 -17.46 -27.95
N VAL C 148 18.27 -17.96 -27.98
CA VAL C 148 19.34 -17.34 -28.78
C VAL C 148 19.00 -17.45 -30.27
N LEU C 149 18.64 -18.65 -30.72
CA LEU C 149 18.30 -18.85 -32.12
C LEU C 149 17.08 -18.03 -32.51
N SER C 150 16.13 -17.88 -31.59
CA SER C 150 14.92 -17.10 -31.83
C SER C 150 15.33 -15.65 -31.99
N GLN C 151 16.39 -15.25 -31.32
CA GLN C 151 16.88 -13.88 -31.41
C GLN C 151 17.54 -13.65 -32.77
N ALA C 152 18.18 -14.69 -33.31
CA ALA C 152 18.84 -14.58 -34.61
C ALA C 152 17.88 -14.79 -35.78
N ARG C 153 16.82 -15.54 -35.55
CA ARG C 153 15.86 -15.80 -36.61
C ARG C 153 14.45 -15.82 -36.02
N PRO C 154 13.94 -14.63 -35.65
CA PRO C 154 12.61 -14.52 -35.06
C PRO C 154 11.49 -15.15 -35.90
N GLU C 155 11.74 -15.32 -37.20
CA GLU C 155 10.76 -15.92 -38.11
C GLU C 155 10.39 -17.33 -37.65
N ARG C 156 11.30 -17.98 -36.94
CA ARG C 156 11.06 -19.34 -36.47
C ARG C 156 10.85 -19.41 -34.96
N ALA C 157 10.60 -18.28 -34.33
CA ALA C 157 10.40 -18.23 -32.87
C ALA C 157 9.47 -19.29 -32.26
N GLN C 158 8.27 -19.47 -32.81
CA GLN C 158 7.35 -20.45 -32.24
C GLN C 158 7.85 -21.90 -32.35
N GLU C 159 8.43 -22.25 -33.50
CA GLU C 159 8.96 -23.59 -33.71
C GLU C 159 10.11 -23.86 -32.72
N LEU C 160 10.96 -22.85 -32.53
CA LEU C 160 12.09 -22.97 -31.64
C LEU C 160 11.66 -23.12 -30.18
N ALA C 161 10.73 -22.28 -29.74
CA ALA C 161 10.25 -22.33 -28.37
C ALA C 161 9.65 -23.70 -28.05
N ARG C 162 8.93 -24.27 -29.01
CA ARG C 162 8.32 -25.57 -28.84
C ARG C 162 9.35 -26.69 -28.74
N ARG C 163 10.27 -26.74 -29.70
CA ARG C 163 11.29 -27.78 -29.67
C ARG C 163 12.14 -27.68 -28.42
N GLY C 164 12.38 -26.46 -27.96
CA GLY C 164 13.16 -26.23 -26.76
C GLY C 164 12.44 -26.81 -25.55
N TRP C 165 11.13 -26.62 -25.49
CA TRP C 165 10.31 -27.15 -24.41
C TRP C 165 10.34 -28.69 -24.40
N GLU C 166 10.09 -29.31 -25.55
CA GLU C 166 10.08 -30.77 -25.67
C GLU C 166 11.43 -31.37 -25.30
N PHE C 167 12.50 -30.69 -25.70
CA PHE C 167 13.86 -31.14 -25.44
C PHE C 167 14.07 -31.31 -23.94
N GLY C 168 13.49 -30.40 -23.17
CA GLY C 168 13.60 -30.50 -21.72
C GLY C 168 12.76 -31.66 -21.23
N GLN C 169 11.56 -31.80 -21.77
CA GLN C 169 10.66 -32.89 -21.38
C GLN C 169 11.28 -34.27 -21.65
N SER C 170 12.16 -34.36 -22.64
CA SER C 170 12.81 -35.64 -22.92
C SER C 170 13.60 -36.12 -21.69
N ARG C 171 14.14 -35.18 -20.92
CA ARG C 171 14.91 -35.56 -19.73
C ARG C 171 14.04 -36.30 -18.70
N VAL C 172 12.78 -35.90 -18.59
CA VAL C 172 11.86 -36.53 -17.64
C VAL C 172 11.44 -37.93 -18.11
N ILE C 173 11.11 -38.02 -19.40
CA ILE C 173 10.70 -39.27 -20.01
C ILE C 173 11.87 -40.24 -19.99
N CYS C 174 13.07 -39.70 -20.20
CA CYS C 174 14.28 -40.51 -20.22
C CYS C 174 14.59 -41.12 -18.85
N GLY C 175 14.07 -40.48 -17.80
CA GLY C 175 14.30 -40.96 -16.45
C GLY C 175 15.55 -40.39 -15.80
N ALA C 176 16.19 -39.43 -16.47
CA ALA C 176 17.39 -38.81 -15.95
C ALA C 176 17.10 -37.71 -14.93
N HIS C 177 15.96 -37.05 -15.09
CA HIS C 177 15.57 -35.97 -14.19
C HIS C 177 14.13 -36.05 -13.74
N TRP C 178 13.85 -35.31 -12.66
CA TRP C 178 12.51 -35.21 -12.11
C TRP C 178 11.90 -34.05 -12.86
N GLN C 179 10.57 -34.00 -12.91
CA GLN C 179 9.88 -32.91 -13.60
C GLN C 179 10.34 -31.56 -13.05
N SER C 180 10.46 -31.46 -11.73
CA SER C 180 10.87 -30.19 -11.13
C SER C 180 12.30 -29.74 -11.49
N ASP C 181 13.19 -30.65 -11.86
CA ASP C 181 14.56 -30.25 -12.26
C ASP C 181 14.43 -29.53 -13.61
N VAL C 182 13.54 -30.04 -14.45
CA VAL C 182 13.34 -29.45 -15.77
C VAL C 182 12.68 -28.07 -15.66
N ASP C 183 11.64 -27.96 -14.84
CA ASP C 183 10.95 -26.68 -14.67
C ASP C 183 11.94 -25.63 -14.19
N ALA C 184 12.80 -26.02 -13.25
CA ALA C 184 13.82 -25.13 -12.74
C ALA C 184 14.87 -24.82 -13.82
N GLY C 185 15.28 -25.86 -14.55
CA GLY C 185 16.26 -25.68 -15.61
C GLY C 185 15.86 -24.60 -16.61
N ARG C 186 14.57 -24.52 -16.92
CA ARG C 186 14.06 -23.53 -17.88
C ARG C 186 14.22 -22.10 -17.41
N TYR C 187 14.05 -21.88 -16.12
CA TYR C 187 14.19 -20.53 -15.58
C TYR C 187 15.67 -20.14 -15.65
N VAL C 188 16.55 -21.08 -15.30
CA VAL C 188 17.98 -20.83 -15.34
C VAL C 188 18.36 -20.42 -16.76
N GLY C 189 17.81 -21.13 -17.75
CA GLY C 189 18.09 -20.80 -19.14
C GLY C 189 17.71 -19.37 -19.50
N ALA C 190 16.54 -18.93 -19.03
CA ALA C 190 16.07 -17.57 -19.28
C ALA C 190 17.00 -16.56 -18.60
N VAL C 191 17.35 -16.83 -17.35
CA VAL C 191 18.23 -15.96 -16.58
C VAL C 191 19.63 -15.83 -17.22
N GLU C 192 20.20 -16.94 -17.67
CA GLU C 192 21.51 -16.89 -18.31
C GLU C 192 21.40 -16.11 -19.63
N PHE C 193 20.27 -16.28 -20.31
CA PHE C 193 20.01 -15.58 -21.57
C PHE C 193 20.09 -14.06 -21.36
N ALA C 194 19.50 -13.57 -20.27
CA ALA C 194 19.54 -12.14 -19.98
C ALA C 194 20.97 -11.67 -19.67
N ARG C 195 21.72 -12.48 -18.92
CA ARG C 195 23.09 -12.15 -18.56
C ARG C 195 24.01 -12.03 -19.79
N LEU C 196 23.82 -12.92 -20.77
CA LEU C 196 24.61 -12.90 -22.00
C LEU C 196 24.43 -11.62 -22.81
N GLN C 197 23.20 -11.08 -22.79
CA GLN C 197 22.88 -9.86 -23.53
C GLN C 197 23.77 -8.67 -23.18
N THR C 198 24.38 -8.68 -22.00
CA THR C 198 25.23 -7.57 -21.57
C THR C 198 26.72 -7.82 -21.79
N ILE C 199 27.06 -8.99 -22.33
CA ILE C 199 28.46 -9.31 -22.59
C ILE C 199 28.80 -9.05 -24.06
N PRO C 200 29.69 -8.08 -24.33
CA PRO C 200 30.08 -7.76 -25.70
C PRO C 200 30.44 -8.97 -26.57
N ALA C 201 31.26 -9.86 -26.04
CA ALA C 201 31.67 -11.04 -26.81
C ALA C 201 30.46 -11.76 -27.40
N PHE C 202 29.39 -11.87 -26.61
CA PHE C 202 28.16 -12.53 -27.06
C PHE C 202 27.47 -11.71 -28.15
N GLN C 203 27.32 -10.42 -27.92
CA GLN C 203 26.66 -9.57 -28.91
C GLN C 203 27.39 -9.69 -30.24
N LYS C 204 28.72 -9.65 -30.20
CA LYS C 204 29.51 -9.75 -31.42
C LYS C 204 29.34 -11.11 -32.08
N SER C 205 29.22 -12.15 -31.27
CA SER C 205 29.04 -13.49 -31.82
C SER C 205 27.63 -13.63 -32.41
N LEU C 206 26.64 -13.05 -31.74
CA LEU C 206 25.27 -13.15 -32.21
C LEU C 206 25.09 -12.52 -33.60
N ALA C 207 25.67 -11.35 -33.81
CA ALA C 207 25.57 -10.67 -35.10
C ALA C 207 26.04 -11.55 -36.27
N LYS C 208 27.15 -12.26 -36.08
CA LYS C 208 27.67 -13.14 -37.12
C LYS C 208 26.77 -14.37 -37.27
N VAL C 209 26.22 -14.85 -36.16
CA VAL C 209 25.33 -15.99 -36.20
C VAL C 209 24.10 -15.58 -37.01
N ARG C 210 23.50 -14.45 -36.65
CA ARG C 210 22.33 -13.94 -37.36
C ARG C 210 22.58 -13.82 -38.86
N GLU C 211 23.80 -13.43 -39.22
CA GLU C 211 24.17 -13.27 -40.61
C GLU C 211 24.28 -14.62 -41.31
N GLU C 212 24.79 -15.64 -40.61
CA GLU C 212 24.94 -16.98 -41.17
C GLU C 212 23.60 -17.68 -41.30
N LEU C 213 22.75 -17.54 -40.30
CA LEU C 213 21.45 -18.22 -40.31
C LEU C 213 20.40 -17.60 -41.23
N ASN C 214 20.65 -16.40 -41.71
CA ASN C 214 19.70 -15.74 -42.61
C ASN C 214 20.28 -15.65 -44.02
N ASP C 215 21.49 -16.16 -44.18
CA ASP C 215 22.17 -16.16 -45.48
C ASP C 215 21.41 -17.08 -46.44
N LYS C 216 20.95 -16.51 -47.55
CA LYS C 216 20.23 -17.28 -48.57
C LYS C 216 20.94 -18.57 -48.94
N ASN C 217 22.27 -18.55 -48.91
CA ASN C 217 23.05 -19.74 -49.25
C ASN C 217 23.02 -20.84 -48.20
N ASN C 218 22.57 -20.51 -46.99
CA ASN C 218 22.51 -21.51 -45.93
C ASN C 218 21.10 -21.98 -45.54
N LEU C 219 20.08 -21.37 -46.14
CA LEU C 219 18.69 -21.73 -45.83
C LEU C 219 18.23 -23.02 -46.49
N LEU C 220 17.11 -23.56 -46.00
CA LEU C 220 16.54 -24.79 -46.54
C LEU C 220 15.28 -24.48 -47.36
N SER C 221 14.59 -25.50 -47.82
CA SER C 221 13.38 -25.32 -48.63
C SER C 221 13.74 -24.70 -49.97
N MET D 3 1.01 6.27 -25.47
CA MET D 3 2.10 5.25 -25.56
C MET D 3 1.86 4.23 -26.66
N GLN D 4 2.93 3.87 -27.38
CA GLN D 4 2.82 2.89 -28.46
C GLN D 4 3.58 1.63 -28.03
N PRO D 5 2.88 0.48 -28.02
CA PRO D 5 3.51 -0.79 -27.63
C PRO D 5 4.72 -1.10 -28.50
N PHE D 6 5.74 -1.73 -27.92
CA PHE D 6 6.93 -2.07 -28.67
C PHE D 6 6.60 -2.82 -29.96
N HIS D 7 5.54 -3.61 -29.93
CA HIS D 7 5.11 -4.35 -31.12
C HIS D 7 3.62 -4.61 -31.02
N SER D 8 3.01 -4.93 -32.14
CA SER D 8 1.58 -5.22 -32.19
C SER D 8 1.27 -6.62 -31.68
N PRO D 9 -0.02 -6.91 -31.43
CA PRO D 9 -0.48 -8.21 -30.93
C PRO D 9 -0.03 -9.40 -31.78
N GLU D 10 -0.08 -9.25 -33.09
CA GLU D 10 0.31 -10.31 -34.01
C GLU D 10 1.81 -10.63 -33.92
N GLU D 11 2.60 -9.65 -33.48
CA GLU D 11 4.04 -9.84 -33.39
C GLU D 11 4.51 -10.57 -32.15
N SER D 12 3.57 -11.00 -31.30
CA SER D 12 3.96 -11.78 -30.14
C SER D 12 4.09 -13.20 -30.68
N VAL D 13 4.91 -14.03 -30.06
CA VAL D 13 5.05 -15.40 -30.53
C VAL D 13 3.81 -16.15 -30.05
N ASN D 14 3.11 -16.81 -30.97
CA ASN D 14 1.90 -17.55 -30.65
C ASN D 14 2.07 -18.56 -29.50
N SER D 15 1.63 -18.18 -28.31
CA SER D 15 1.76 -19.03 -27.13
C SER D 15 0.97 -20.34 -27.21
N GLN D 16 -0.11 -20.34 -27.98
CA GLN D 16 -0.91 -21.54 -28.12
C GLN D 16 -0.14 -22.60 -28.91
N PHE D 17 0.85 -22.18 -29.69
CA PHE D 17 1.65 -23.10 -30.48
C PHE D 17 2.76 -23.79 -29.71
N TYR D 18 3.50 -23.04 -28.90
CA TYR D 18 4.62 -23.65 -28.17
C TYR D 18 4.34 -24.18 -26.78
N LEU D 19 3.26 -23.70 -26.16
CA LEU D 19 2.92 -24.19 -24.81
C LEU D 19 2.14 -25.49 -24.92
N PRO D 20 2.36 -26.42 -23.97
CA PRO D 20 1.57 -27.66 -24.08
C PRO D 20 0.17 -27.33 -23.55
N PRO D 21 -0.77 -28.28 -23.61
CA PRO D 21 -2.12 -27.99 -23.12
C PRO D 21 -2.12 -28.05 -21.58
N PRO D 22 -3.05 -27.34 -20.93
CA PRO D 22 -3.05 -27.41 -19.46
C PRO D 22 -3.36 -28.85 -19.07
N PRO D 23 -3.01 -29.26 -17.85
CA PRO D 23 -3.27 -30.64 -17.40
C PRO D 23 -4.75 -31.04 -17.46
N GLY D 24 -4.99 -32.33 -17.72
CA GLY D 24 -6.33 -32.85 -17.79
C GLY D 24 -6.85 -33.28 -16.41
N ASN D 25 -8.16 -33.42 -16.31
CA ASN D 25 -8.81 -33.80 -15.05
C ASN D 25 -8.20 -35.00 -14.34
N ASP D 26 -7.75 -35.99 -15.10
CA ASP D 26 -7.17 -37.18 -14.49
C ASP D 26 -5.65 -37.28 -14.60
N ASP D 27 -5.03 -36.19 -15.01
CA ASP D 27 -3.59 -36.15 -15.16
C ASP D 27 -2.89 -35.91 -13.81
N PRO D 28 -1.71 -36.52 -13.62
CA PRO D 28 -0.96 -36.36 -12.37
C PRO D 28 -0.64 -34.89 -12.06
N ALA D 29 -0.45 -34.10 -13.10
CA ALA D 29 -0.13 -32.68 -12.92
C ALA D 29 -1.35 -31.90 -12.40
N PHE D 30 -2.55 -32.43 -12.61
CA PHE D 30 -3.70 -31.72 -12.13
C PHE D 30 -3.92 -32.02 -10.65
N ARG D 31 -3.50 -33.21 -10.21
CA ARG D 31 -3.63 -33.56 -8.80
C ARG D 31 -2.70 -32.62 -8.05
N TYR D 32 -1.54 -32.33 -8.68
CA TYR D 32 -0.57 -31.44 -8.08
C TYR D 32 -1.13 -30.02 -8.06
N ASP D 33 -1.77 -29.60 -9.14
CA ASP D 33 -2.35 -28.27 -9.17
C ASP D 33 -3.31 -28.05 -8.00
N LYS D 34 -4.10 -29.08 -7.70
CA LYS D 34 -5.08 -29.01 -6.63
C LYS D 34 -4.45 -29.04 -5.24
N GLU D 35 -3.49 -29.93 -5.02
CA GLU D 35 -2.83 -30.00 -3.72
C GLU D 35 -2.12 -28.67 -3.45
N ALA D 36 -1.45 -28.14 -4.47
CA ALA D 36 -0.74 -26.88 -4.35
C ALA D 36 -1.73 -25.77 -4.01
N TYR D 37 -2.93 -25.85 -4.58
CA TYR D 37 -3.95 -24.85 -4.30
C TYR D 37 -4.23 -24.79 -2.79
N PHE D 38 -4.61 -25.94 -2.22
CA PHE D 38 -4.92 -26.00 -0.79
C PHE D 38 -3.76 -25.68 0.14
N LYS D 39 -2.52 -25.88 -0.31
CA LYS D 39 -1.37 -25.53 0.53
C LYS D 39 -1.36 -24.01 0.66
N GLY D 40 -1.71 -23.33 -0.42
CA GLY D 40 -1.72 -21.89 -0.39
C GLY D 40 -2.85 -21.38 0.48
N TYR D 41 -4.03 -21.96 0.28
CA TYR D 41 -5.23 -21.58 1.03
C TYR D 41 -5.03 -21.80 2.53
N ALA D 42 -4.10 -22.68 2.88
CA ALA D 42 -3.81 -23.01 4.26
C ALA D 42 -3.07 -21.91 5.04
N ILE D 43 -2.31 -21.08 4.33
CA ILE D 43 -1.54 -20.03 4.99
C ILE D 43 -2.14 -18.64 4.86
N LYS D 44 -3.45 -18.59 4.66
CA LYS D 44 -4.18 -17.34 4.54
C LYS D 44 -3.87 -16.44 5.73
N GLY D 45 -3.62 -15.16 5.48
CA GLY D 45 -3.34 -14.22 6.56
C GLY D 45 -1.91 -14.16 7.08
N SER D 46 -1.06 -15.07 6.63
CA SER D 46 0.34 -15.09 7.06
C SER D 46 1.14 -14.02 6.32
N PRO D 47 2.43 -13.88 6.65
CA PRO D 47 3.23 -12.86 5.97
C PRO D 47 3.37 -13.12 4.47
N ARG D 48 3.57 -14.38 4.09
CA ARG D 48 3.72 -14.70 2.67
C ARG D 48 2.42 -14.46 1.91
N TRP D 49 1.31 -14.71 2.59
CA TRP D 49 -0.01 -14.54 1.99
C TRP D 49 -0.35 -13.06 1.77
N LYS D 50 0.09 -12.20 2.68
CA LYS D 50 -0.18 -10.77 2.54
C LYS D 50 0.66 -10.23 1.39
N GLN D 51 1.86 -10.78 1.23
CA GLN D 51 2.76 -10.39 0.15
C GLN D 51 2.13 -10.76 -1.18
N ALA D 52 1.49 -11.93 -1.21
CA ALA D 52 0.83 -12.40 -2.42
C ALA D 52 -0.28 -11.42 -2.83
N ALA D 53 -0.90 -10.79 -1.84
CA ALA D 53 -1.97 -9.83 -2.11
C ALA D 53 -1.40 -8.53 -2.65
N GLU D 54 -0.24 -8.14 -2.13
CA GLU D 54 0.38 -6.91 -2.61
C GLU D 54 0.90 -7.14 -4.02
N ASP D 55 1.31 -8.39 -4.31
CA ASP D 55 1.83 -8.76 -5.62
C ASP D 55 0.71 -8.84 -6.67
N ALA D 56 -0.54 -8.91 -6.21
CA ALA D 56 -1.67 -9.02 -7.12
C ALA D 56 -1.97 -7.72 -7.88
N ASP D 57 -1.65 -6.59 -7.28
CA ASP D 57 -1.89 -5.29 -7.90
C ASP D 57 -0.78 -4.97 -8.89
N ILE D 58 -1.09 -5.03 -10.19
CA ILE D 58 -0.10 -4.76 -11.22
C ILE D 58 -0.11 -3.33 -11.73
N SER D 59 -0.78 -2.44 -11.01
CA SER D 59 -0.78 -1.04 -11.42
C SER D 59 0.69 -0.62 -11.42
N VAL D 60 1.07 0.32 -12.28
CA VAL D 60 2.46 0.74 -12.34
C VAL D 60 3.03 1.24 -11.01
N GLU D 61 2.25 2.01 -10.26
CA GLU D 61 2.74 2.53 -8.98
C GLU D 61 3.21 1.38 -8.08
N ASN D 62 2.41 0.33 -7.99
CA ASN D 62 2.72 -0.82 -7.14
C ASN D 62 3.93 -1.61 -7.65
N ILE D 63 4.00 -1.82 -8.95
CA ILE D 63 5.10 -2.54 -9.54
C ILE D 63 6.39 -1.80 -9.26
N ALA D 64 6.38 -0.48 -9.47
CA ALA D 64 7.55 0.34 -9.24
C ALA D 64 7.94 0.29 -7.76
N ARG D 65 6.93 0.29 -6.89
CA ARG D 65 7.19 0.23 -5.46
C ARG D 65 7.88 -1.08 -5.11
N ILE D 66 7.38 -2.18 -5.66
CA ILE D 66 7.94 -3.50 -5.39
C ILE D 66 9.35 -3.72 -5.93
N PHE D 67 9.61 -3.25 -7.14
CA PHE D 67 10.92 -3.44 -7.75
C PHE D 67 12.00 -2.40 -7.50
N SER D 68 11.64 -1.22 -7.01
CA SER D 68 12.65 -0.19 -6.73
C SER D 68 13.77 -0.70 -5.83
N PRO D 69 13.42 -1.28 -4.66
CA PRO D 69 14.46 -1.78 -3.76
C PRO D 69 15.20 -3.00 -4.29
N VAL D 70 14.53 -3.82 -5.10
CA VAL D 70 15.17 -5.00 -5.65
C VAL D 70 16.19 -4.60 -6.71
N VAL D 71 15.84 -3.64 -7.57
CA VAL D 71 16.78 -3.20 -8.60
C VAL D 71 17.76 -2.18 -8.01
N GLY D 72 17.44 -1.68 -6.82
CA GLY D 72 18.29 -0.70 -6.16
C GLY D 72 18.25 0.68 -6.74
N ALA D 73 17.06 1.13 -7.15
CA ALA D 73 16.93 2.46 -7.73
C ALA D 73 15.50 2.97 -7.64
N LYS D 74 15.35 4.27 -7.37
CA LYS D 74 14.03 4.88 -7.29
C LYS D 74 13.36 4.89 -8.65
N ILE D 75 12.14 4.37 -8.71
CA ILE D 75 11.40 4.37 -9.95
C ILE D 75 10.18 5.26 -9.79
N SER D 76 10.11 6.31 -10.62
CA SER D 76 8.98 7.23 -10.57
C SER D 76 8.87 7.99 -11.89
N PRO D 77 7.69 8.56 -12.16
CA PRO D 77 7.42 9.34 -13.37
C PRO D 77 8.43 10.45 -13.63
N LYS D 78 8.63 11.31 -12.64
CA LYS D 78 9.54 12.43 -12.77
C LYS D 78 11.04 12.10 -12.73
N ASP D 79 11.42 11.10 -11.95
CA ASP D 79 12.83 10.75 -11.85
C ASP D 79 13.33 9.79 -12.94
N THR D 80 12.52 8.81 -13.31
CA THR D 80 12.90 7.85 -14.35
C THR D 80 11.74 7.68 -15.32
N PRO D 81 11.45 8.72 -16.12
CA PRO D 81 10.35 8.65 -17.08
C PRO D 81 10.38 7.49 -18.08
N GLU D 82 11.55 7.16 -18.62
CA GLU D 82 11.61 6.06 -19.59
C GLU D 82 11.35 4.71 -18.93
N THR D 83 11.84 4.53 -17.72
CA THR D 83 11.65 3.28 -16.97
C THR D 83 10.17 3.11 -16.66
N TRP D 84 9.51 4.22 -16.38
CA TRP D 84 8.09 4.25 -16.07
C TRP D 84 7.30 3.77 -17.28
N ASN D 85 7.63 4.29 -18.46
CA ASN D 85 6.96 3.88 -19.70
C ASN D 85 7.25 2.41 -19.97
N MET D 86 8.48 1.99 -19.68
CA MET D 86 8.91 0.61 -19.89
C MET D 86 8.05 -0.36 -19.08
N LEU D 87 7.82 -0.04 -17.81
CA LEU D 87 7.00 -0.88 -16.95
C LEU D 87 5.59 -1.09 -17.51
N GLN D 88 5.02 -0.03 -18.06
CA GLN D 88 3.67 -0.08 -18.64
C GLN D 88 3.67 -0.77 -20.00
N ASN D 89 4.70 -0.51 -20.80
CA ASN D 89 4.81 -1.10 -22.13
C ASN D 89 4.99 -2.62 -22.03
N LEU D 90 5.78 -3.06 -21.06
CA LEU D 90 6.03 -4.50 -20.90
C LEU D 90 4.77 -5.23 -20.43
N LEU D 91 3.95 -4.56 -19.63
CA LEU D 91 2.71 -5.16 -19.15
C LEU D 91 1.82 -5.49 -20.33
N LYS D 92 1.73 -4.55 -21.26
CA LYS D 92 0.90 -4.73 -22.44
C LYS D 92 1.42 -5.82 -23.39
N VAL D 93 2.71 -5.81 -23.70
CA VAL D 93 3.23 -6.81 -24.63
C VAL D 93 3.39 -8.21 -24.04
N GLY D 94 3.82 -8.29 -22.79
CA GLY D 94 4.03 -9.58 -22.16
C GLY D 94 2.92 -10.05 -21.25
N GLY D 95 2.24 -9.10 -20.61
CA GLY D 95 1.15 -9.47 -19.73
C GLY D 95 -0.07 -9.87 -20.54
N TYR D 96 -0.36 -9.12 -21.59
CA TYR D 96 -1.53 -9.39 -22.42
C TYR D 96 -1.23 -10.02 -23.78
N TYR D 97 -0.51 -9.32 -24.64
CA TYR D 97 -0.20 -9.83 -25.98
C TYR D 97 0.41 -11.22 -26.03
N ALA D 98 1.42 -11.47 -25.22
CA ALA D 98 2.08 -12.78 -25.25
C ALA D 98 1.29 -13.95 -24.71
N THR D 99 0.25 -13.69 -23.92
CA THR D 99 -0.55 -14.78 -23.34
C THR D 99 -1.91 -14.99 -24.00
N ALA D 100 -2.36 -13.98 -24.74
CA ALA D 100 -3.66 -13.94 -25.40
C ALA D 100 -4.16 -15.19 -26.14
N SER D 101 -3.44 -15.63 -27.16
CA SER D 101 -3.86 -16.79 -27.94
C SER D 101 -4.10 -18.04 -27.12
N ALA D 102 -3.19 -18.37 -26.20
CA ALA D 102 -3.35 -19.56 -25.38
C ALA D 102 -4.46 -19.36 -24.33
N LYS D 103 -4.69 -18.12 -23.91
CA LYS D 103 -5.75 -17.85 -22.94
C LYS D 103 -7.12 -18.12 -23.55
N LYS D 104 -7.36 -17.56 -24.72
CA LYS D 104 -8.63 -17.74 -25.42
C LYS D 104 -8.86 -19.19 -25.86
N TYR D 105 -7.81 -19.81 -26.39
CA TYR D 105 -7.91 -21.18 -26.89
C TYR D 105 -8.36 -22.21 -25.87
N TYR D 106 -7.90 -22.09 -24.63
CA TYR D 106 -8.24 -23.04 -23.58
C TYR D 106 -9.29 -22.55 -22.60
N MET D 107 -9.37 -21.24 -22.40
CA MET D 107 -10.33 -20.65 -21.43
C MET D 107 -10.44 -21.48 -20.15
N ARG D 108 -9.30 -21.91 -19.62
CA ARG D 108 -9.29 -22.71 -18.40
C ARG D 108 -9.95 -21.99 -17.23
N THR D 109 -10.62 -22.75 -16.37
CA THR D 109 -11.29 -22.19 -15.20
C THR D 109 -10.29 -22.02 -14.06
N ARG D 110 -10.43 -20.94 -13.31
CA ARG D 110 -9.54 -20.64 -12.18
C ARG D 110 -9.90 -21.43 -10.92
N PRO D 111 -8.91 -21.70 -10.07
CA PRO D 111 -9.10 -22.46 -8.83
C PRO D 111 -10.21 -21.97 -7.89
N PHE D 112 -10.18 -20.68 -7.55
CA PHE D 112 -11.17 -20.13 -6.63
C PHE D 112 -12.58 -20.21 -7.17
N VAL D 113 -12.71 -20.22 -8.50
CA VAL D 113 -14.03 -20.32 -9.11
C VAL D 113 -14.54 -21.74 -8.90
N LEU D 114 -13.67 -22.70 -9.15
CA LEU D 114 -14.03 -24.10 -9.03
C LEU D 114 -14.43 -24.52 -7.63
N PHE D 115 -13.64 -24.07 -6.65
CA PHE D 115 -13.90 -24.42 -5.26
C PHE D 115 -14.78 -23.39 -4.58
N ASN D 116 -15.20 -22.39 -5.35
CA ASN D 116 -16.08 -21.35 -4.83
C ASN D 116 -15.51 -20.70 -3.56
N HIS D 117 -14.26 -20.23 -3.65
CA HIS D 117 -13.60 -19.57 -2.53
C HIS D 117 -13.25 -18.16 -2.95
N SER D 118 -12.80 -17.35 -2.00
CA SER D 118 -12.40 -15.99 -2.34
C SER D 118 -10.87 -15.99 -2.33
N THR D 119 -10.27 -15.20 -3.22
CA THR D 119 -8.83 -15.11 -3.32
C THR D 119 -8.26 -14.12 -2.30
N CYS D 120 -6.99 -13.77 -2.51
CA CYS D 120 -6.29 -12.83 -1.63
C CYS D 120 -6.51 -11.37 -2.03
N ARG D 121 -7.25 -11.16 -3.11
CA ARG D 121 -7.53 -9.82 -3.62
C ARG D 121 -8.93 -9.79 -4.24
N PRO D 122 -9.98 -9.80 -3.40
CA PRO D 122 -11.39 -9.79 -3.82
C PRO D 122 -11.83 -8.77 -4.87
N GLU D 123 -11.16 -7.63 -4.93
CA GLU D 123 -11.54 -6.59 -5.88
C GLU D 123 -11.31 -6.97 -7.35
N ASP D 124 -10.38 -7.88 -7.60
CA ASP D 124 -10.09 -8.29 -8.97
C ASP D 124 -10.79 -9.58 -9.39
N GLU D 125 -11.60 -10.14 -8.51
CA GLU D 125 -12.29 -11.39 -8.82
C GLU D 125 -13.30 -11.31 -9.97
N ASN D 126 -14.02 -10.19 -10.08
CA ASN D 126 -15.00 -10.04 -11.15
C ASN D 126 -14.30 -10.08 -12.51
N THR D 127 -13.17 -9.38 -12.62
CA THR D 127 -12.42 -9.35 -13.87
C THR D 127 -11.70 -10.67 -14.17
N LEU D 128 -11.17 -11.33 -13.15
CA LEU D 128 -10.46 -12.60 -13.35
C LEU D 128 -11.37 -13.72 -13.85
N ARG D 129 -12.61 -13.72 -13.38
CA ARG D 129 -13.59 -14.74 -13.75
C ARG D 129 -13.84 -14.85 -15.24
N LYS D 130 -13.63 -13.75 -15.96
CA LYS D 130 -13.86 -13.74 -17.39
C LYS D 130 -12.59 -13.81 -18.23
N ASP D 131 -11.50 -14.24 -17.62
CA ASP D 131 -10.21 -14.34 -18.31
C ASP D 131 -9.61 -15.74 -18.21
N GLY D 132 -9.20 -16.30 -19.35
CA GLY D 132 -8.60 -17.63 -19.39
C GLY D 132 -7.48 -17.73 -18.36
N SER D 133 -7.51 -18.78 -17.56
CA SER D 133 -6.53 -19.00 -16.49
C SER D 133 -5.13 -19.45 -16.95
N TYR D 134 -5.04 -20.05 -18.12
CA TYR D 134 -3.78 -20.59 -18.63
C TYR D 134 -3.29 -19.94 -19.93
N PRO D 135 -2.10 -19.29 -19.90
CA PRO D 135 -1.18 -19.13 -18.77
C PRO D 135 -1.42 -17.83 -18.02
N SER D 136 -0.70 -17.66 -16.91
CA SER D 136 -0.79 -16.48 -16.05
C SER D 136 -0.12 -15.24 -16.61
N GLY D 137 -0.89 -14.15 -16.70
CA GLY D 137 -0.36 -12.91 -17.21
C GLY D 137 0.60 -12.26 -16.24
N HIS D 138 0.25 -12.24 -14.96
CA HIS D 138 1.12 -11.65 -13.92
C HIS D 138 2.50 -12.33 -13.96
N THR D 139 2.51 -13.65 -14.04
CA THR D 139 3.76 -14.42 -14.07
C THR D 139 4.62 -14.08 -15.28
N ALA D 140 4.01 -14.13 -16.46
CA ALA D 140 4.72 -13.83 -17.71
C ALA D 140 5.28 -12.42 -17.67
N TYR D 141 4.49 -11.49 -17.15
CA TYR D 141 4.91 -10.11 -17.05
C TYR D 141 6.05 -9.94 -16.05
N SER D 142 5.90 -10.53 -14.87
CA SER D 142 6.95 -10.39 -13.86
C SER D 142 8.25 -11.08 -14.28
N THR D 143 8.16 -12.17 -15.04
CA THR D 143 9.36 -12.86 -15.52
C THR D 143 10.04 -11.93 -16.53
N LEU D 144 9.27 -11.38 -17.46
CA LEU D 144 9.77 -10.47 -18.48
C LEU D 144 10.44 -9.27 -17.83
N LEU D 145 9.74 -8.68 -16.87
CA LEU D 145 10.22 -7.52 -16.15
C LEU D 145 11.53 -7.82 -15.43
N ALA D 146 11.58 -8.95 -14.73
CA ALA D 146 12.78 -9.32 -14.01
C ALA D 146 13.96 -9.43 -14.96
N LEU D 147 13.73 -9.99 -16.15
CA LEU D 147 14.79 -10.15 -17.15
C LEU D 147 15.24 -8.82 -17.76
N VAL D 148 14.29 -7.95 -18.07
CA VAL D 148 14.63 -6.65 -18.66
C VAL D 148 15.46 -5.81 -17.68
N LEU D 149 15.08 -5.82 -16.41
CA LEU D 149 15.81 -5.05 -15.41
C LEU D 149 17.18 -5.67 -15.15
N SER D 150 17.28 -6.99 -15.28
CA SER D 150 18.54 -7.70 -15.08
C SER D 150 19.50 -7.39 -16.22
N GLN D 151 18.94 -6.97 -17.33
CA GLN D 151 19.74 -6.63 -18.50
C GLN D 151 20.22 -5.19 -18.40
N ALA D 152 19.49 -4.37 -17.64
CA ALA D 152 19.86 -2.96 -17.46
C ALA D 152 20.72 -2.73 -16.22
N ARG D 153 20.63 -3.65 -15.26
CA ARG D 153 21.39 -3.56 -14.01
C ARG D 153 21.80 -4.98 -13.62
N PRO D 154 22.75 -5.55 -14.39
CA PRO D 154 23.30 -6.91 -14.24
C PRO D 154 23.69 -7.35 -12.84
N GLU D 155 24.23 -6.44 -12.04
CA GLU D 155 24.68 -6.77 -10.69
C GLU D 155 23.53 -7.08 -9.72
N ARG D 156 22.29 -6.79 -10.13
CA ARG D 156 21.13 -7.08 -9.28
C ARG D 156 20.40 -8.31 -9.84
N ALA D 157 21.02 -8.94 -10.83
CA ALA D 157 20.47 -10.12 -11.48
C ALA D 157 19.88 -11.20 -10.57
N GLN D 158 20.62 -11.61 -9.55
CA GLN D 158 20.13 -12.67 -8.66
C GLN D 158 18.92 -12.29 -7.81
N GLU D 159 18.86 -11.06 -7.33
CA GLU D 159 17.72 -10.63 -6.53
C GLU D 159 16.50 -10.47 -7.44
N LEU D 160 16.75 -9.98 -8.66
CA LEU D 160 15.66 -9.80 -9.63
C LEU D 160 15.05 -11.16 -10.02
N ALA D 161 15.90 -12.13 -10.30
CA ALA D 161 15.44 -13.46 -10.70
C ALA D 161 14.61 -14.06 -9.56
N ARG D 162 15.08 -13.86 -8.34
CA ARG D 162 14.39 -14.38 -7.17
C ARG D 162 13.02 -13.71 -6.99
N ARG D 163 12.99 -12.38 -7.03
CA ARG D 163 11.73 -11.69 -6.85
C ARG D 163 10.73 -12.01 -7.96
N GLY D 164 11.24 -12.22 -9.17
CA GLY D 164 10.37 -12.55 -10.29
C GLY D 164 9.70 -13.90 -10.07
N TRP D 165 10.47 -14.85 -9.55
CA TRP D 165 9.92 -16.18 -9.30
C TRP D 165 8.82 -16.13 -8.24
N GLU D 166 9.07 -15.43 -7.14
CA GLU D 166 8.09 -15.33 -6.07
C GLU D 166 6.84 -14.57 -6.53
N PHE D 167 7.03 -13.55 -7.36
CA PHE D 167 5.89 -12.79 -7.85
C PHE D 167 4.91 -13.74 -8.50
N GLY D 168 5.44 -14.72 -9.23
CA GLY D 168 4.59 -15.69 -9.90
C GLY D 168 3.92 -16.64 -8.92
N GLN D 169 4.68 -17.16 -7.96
CA GLN D 169 4.13 -18.07 -6.97
C GLN D 169 3.03 -17.41 -6.16
N SER D 170 3.09 -16.08 -6.06
CA SER D 170 2.06 -15.37 -5.34
C SER D 170 0.69 -15.68 -5.96
N ARG D 171 0.62 -15.80 -7.28
CA ARG D 171 -0.64 -16.10 -7.96
C ARG D 171 -1.22 -17.46 -7.53
N VAL D 172 -0.34 -18.41 -7.23
CA VAL D 172 -0.76 -19.73 -6.77
C VAL D 172 -1.27 -19.61 -5.33
N ILE D 173 -0.48 -18.97 -4.47
CA ILE D 173 -0.85 -18.80 -3.07
C ILE D 173 -2.13 -17.95 -2.91
N CYS D 174 -2.29 -16.98 -3.80
CA CYS D 174 -3.45 -16.09 -3.79
C CYS D 174 -4.73 -16.81 -4.19
N GLY D 175 -4.59 -17.95 -4.87
CA GLY D 175 -5.76 -18.69 -5.30
C GLY D 175 -6.27 -18.27 -6.67
N ALA D 176 -5.57 -17.39 -7.35
CA ALA D 176 -6.01 -16.92 -8.66
C ALA D 176 -5.57 -17.84 -9.81
N HIS D 177 -4.50 -18.60 -9.59
CA HIS D 177 -3.98 -19.48 -10.65
C HIS D 177 -3.58 -20.86 -10.19
N TRP D 178 -3.50 -21.78 -11.14
CA TRP D 178 -3.05 -23.14 -10.86
C TRP D 178 -1.52 -23.10 -10.99
N GLN D 179 -0.83 -23.95 -10.25
CA GLN D 179 0.62 -23.99 -10.35
C GLN D 179 1.02 -24.13 -11.83
N SER D 180 0.33 -25.02 -12.55
CA SER D 180 0.67 -25.19 -13.95
C SER D 180 0.50 -23.93 -14.79
N ASP D 181 -0.33 -22.97 -14.36
CA ASP D 181 -0.49 -21.73 -15.13
C ASP D 181 0.75 -20.86 -14.95
N VAL D 182 1.33 -20.93 -13.76
CA VAL D 182 2.51 -20.14 -13.41
C VAL D 182 3.74 -20.70 -14.10
N ASP D 183 3.90 -22.03 -14.08
CA ASP D 183 5.06 -22.64 -14.73
C ASP D 183 5.06 -22.25 -16.20
N ALA D 184 3.89 -22.29 -16.84
CA ALA D 184 3.78 -21.95 -18.25
C ALA D 184 3.97 -20.45 -18.50
N GLY D 185 3.54 -19.64 -17.54
CA GLY D 185 3.68 -18.19 -17.67
C GLY D 185 5.13 -17.74 -17.67
N ARG D 186 5.97 -18.44 -16.89
CA ARG D 186 7.39 -18.11 -16.83
C ARG D 186 8.05 -18.30 -18.19
N TYR D 187 7.69 -19.37 -18.89
CA TYR D 187 8.27 -19.66 -20.20
C TYR D 187 7.81 -18.64 -21.24
N VAL D 188 6.57 -18.17 -21.09
CA VAL D 188 6.02 -17.17 -22.00
C VAL D 188 6.79 -15.84 -21.85
N GLY D 189 7.17 -15.50 -20.62
CA GLY D 189 7.90 -14.27 -20.38
C GLY D 189 9.27 -14.28 -21.02
N ALA D 190 9.93 -15.44 -20.95
CA ALA D 190 11.25 -15.62 -21.54
C ALA D 190 11.16 -15.53 -23.07
N VAL D 191 10.15 -16.17 -23.66
CA VAL D 191 9.94 -16.16 -25.10
C VAL D 191 9.69 -14.73 -25.62
N GLU D 192 8.90 -13.96 -24.87
CA GLU D 192 8.62 -12.58 -25.26
C GLU D 192 9.89 -11.74 -25.11
N PHE D 193 10.66 -12.06 -24.08
CA PHE D 193 11.92 -11.38 -23.82
C PHE D 193 12.85 -11.51 -25.02
N ALA D 194 12.97 -12.71 -25.56
CA ALA D 194 13.86 -12.94 -26.70
C ALA D 194 13.39 -12.15 -27.91
N ARG D 195 12.08 -12.11 -28.09
CA ARG D 195 11.47 -11.40 -29.20
C ARG D 195 11.71 -9.88 -29.12
N LEU D 196 11.62 -9.32 -27.91
CA LEU D 196 11.83 -7.88 -27.75
C LEU D 196 13.25 -7.47 -28.17
N GLN D 197 14.22 -8.37 -27.95
CA GLN D 197 15.59 -8.08 -28.31
C GLN D 197 15.74 -7.73 -29.79
N THR D 198 14.82 -8.24 -30.61
CA THR D 198 14.88 -7.99 -32.04
C THR D 198 14.12 -6.76 -32.49
N ILE D 199 13.60 -5.99 -31.54
CA ILE D 199 12.83 -4.80 -31.87
C ILE D 199 13.57 -3.50 -31.55
N PRO D 200 13.81 -2.68 -32.58
CA PRO D 200 14.52 -1.40 -32.40
C PRO D 200 13.92 -0.52 -31.30
N ALA D 201 12.61 -0.33 -31.32
CA ALA D 201 11.95 0.51 -30.32
C ALA D 201 12.28 0.06 -28.90
N PHE D 202 12.41 -1.25 -28.68
CA PHE D 202 12.73 -1.78 -27.36
C PHE D 202 14.17 -1.46 -26.98
N GLN D 203 15.10 -1.67 -27.93
CA GLN D 203 16.51 -1.41 -27.69
C GLN D 203 16.73 0.07 -27.36
N LYS D 204 16.00 0.95 -28.03
CA LYS D 204 16.13 2.38 -27.79
C LYS D 204 15.66 2.73 -26.39
N SER D 205 14.60 2.09 -25.95
CA SER D 205 14.05 2.35 -24.62
C SER D 205 14.98 1.79 -23.54
N LEU D 206 15.46 0.56 -23.72
CA LEU D 206 16.36 -0.07 -22.76
C LEU D 206 17.58 0.79 -22.50
N ALA D 207 18.17 1.34 -23.57
CA ALA D 207 19.35 2.19 -23.44
C ALA D 207 19.09 3.32 -22.46
N LYS D 208 17.94 3.98 -22.58
CA LYS D 208 17.61 5.08 -21.68
C LYS D 208 17.30 4.54 -20.28
N VAL D 209 16.64 3.39 -20.22
CA VAL D 209 16.31 2.78 -18.95
C VAL D 209 17.61 2.46 -18.21
N ARG D 210 18.61 1.97 -18.93
CA ARG D 210 19.88 1.63 -18.32
C ARG D 210 20.49 2.89 -17.71
N GLU D 211 20.45 3.99 -18.46
CA GLU D 211 20.99 5.26 -18.00
C GLU D 211 20.30 5.76 -16.73
N GLU D 212 18.98 5.72 -16.72
CA GLU D 212 18.21 6.19 -15.57
C GLU D 212 18.48 5.40 -14.28
N LEU D 213 18.49 4.08 -14.38
CA LEU D 213 18.70 3.23 -13.20
C LEU D 213 20.15 3.14 -12.74
N ASN D 214 21.06 3.75 -13.48
CA ASN D 214 22.47 3.76 -13.09
C ASN D 214 22.92 5.15 -12.71
N ASP D 215 21.99 6.10 -12.77
CA ASP D 215 22.28 7.49 -12.40
C ASP D 215 22.36 7.56 -10.87
N LYS D 216 23.51 8.00 -10.38
CA LYS D 216 23.76 8.13 -8.94
C LYS D 216 22.60 8.78 -8.19
N ASN D 217 22.02 9.81 -8.79
CA ASN D 217 20.91 10.53 -8.15
C ASN D 217 19.61 9.74 -8.03
N ASN D 218 19.62 8.48 -8.45
CA ASN D 218 18.43 7.63 -8.37
C ASN D 218 18.70 6.31 -7.64
N LEU D 219 19.95 6.07 -7.26
CA LEU D 219 20.32 4.85 -6.55
C LEU D 219 19.59 4.74 -5.20
N LEU D 220 19.52 3.52 -4.67
CA LEU D 220 18.87 3.27 -3.39
C LEU D 220 19.64 2.26 -2.54
N SER D 221 19.17 2.05 -1.31
CA SER D 221 19.81 1.12 -0.39
C SER D 221 19.10 -0.23 -0.31
#